data_8DSC
#
_entry.id   8DSC
#
_cell.length_a   60.376
_cell.length_b   106.338
_cell.length_c   82.806
_cell.angle_alpha   90.000
_cell.angle_beta   96.450
_cell.angle_gamma   90.000
#
_symmetry.space_group_name_H-M   'P 1 21 1'
#
loop_
_entity.id
_entity.type
_entity.pdbx_description
1 polymer 'Nicotinamide phosphoribosyltransferase'
2 non-polymer NICOTINAMIDE
3 non-polymer 'PHOSPHATE ION'
4 non-polymer (3R)-1-[2-(4-methylphenyl)-2H-pyrazolo[3,4-d]pyrimidin-4-yl]-N-{[4-(methylsulfanyl)phenyl]methyl}piperidine-3-carboxamide
5 non-polymer GLYCEROL
6 non-polymer 'CHLORIDE ION'
7 non-polymer 'SODIUM ION'
8 water water
#
_entity_poly.entity_id   1
_entity_poly.type   'polypeptide(L)'
_entity_poly.pdbx_seq_one_letter_code
;MNPAAEAEFNILLATDSYKVTHYKQYPPNTSKVYSYFECREKKTENSKLRKVKYEETVFYGLQYILNKYLKGKVVTKEKI
QEAKDVYKEHFQDDVFNEKGWNYILEKYDGHLPIEIKAVPEGFVIPRGNVLFTVENTDPECYWLTNWIETILVQSWYPIT
VATNSREQKKILAKYLLETSGNLDGLEYKLHDFGYRGVSSQETAGIGASAHLVNFKGTDTVAGLALIKKYYGTKDPVPGY
SVPAAEHSTITAWGKDHEKDAFEHIVTQFSSVPVSVVSDSYDIYNACEKIWGEDLRHLIVSRSTQAPLIIRPDSGNPLDT
VLKVLEILGKKFPVTENSKGYKLLPPYLRVIQGDGVDINTLQEIVEGMKQKMWSIENIAFGSGGGLLQKLTRDLLNCSFK
CSYVVTNGLGINVFKDPVADPNKRSKKGRLSLHRTPAGNFVTLEEGKGDLEEYGQDLLHTVFKNGKVTKSYSFDEIRKNA
QLNIELEAAHHLEHHHHHH
;
_entity_poly.pdbx_strand_id   A,B
#
# COMPACT_ATOMS: atom_id res chain seq x y z
N PHE A 9 3.43 12.90 15.23
CA PHE A 9 3.34 11.47 15.43
C PHE A 9 3.41 11.11 16.91
N ASN A 10 2.50 10.27 17.34
CA ASN A 10 2.44 9.82 18.71
C ASN A 10 2.52 8.30 18.71
N ILE A 11 3.60 7.77 19.26
CA ILE A 11 3.85 6.32 19.32
C ILE A 11 2.82 5.58 20.19
N LEU A 12 2.24 6.27 21.17
CA LEU A 12 1.16 5.74 21.99
C LEU A 12 -0.13 5.44 21.20
N LEU A 13 -0.32 6.12 20.07
CA LEU A 13 -1.44 5.94 19.15
C LEU A 13 -1.01 5.22 17.88
N ALA A 14 0.15 4.59 17.90
CA ALA A 14 0.67 3.91 16.70
C ALA A 14 0.82 2.41 16.87
N THR A 15 -0.16 1.80 17.51
CA THR A 15 -0.19 0.37 17.70
C THR A 15 -1.61 -0.11 17.41
N ASP A 16 -1.77 -1.42 17.23
CA ASP A 16 -3.10 -2.03 17.10
C ASP A 16 -3.80 -1.81 18.43
N SER A 17 -5.08 -1.48 18.38
CA SER A 17 -5.87 -1.17 19.60
C SER A 17 -5.67 -2.26 20.64
N TYR A 18 -5.75 -3.52 20.26
CA TYR A 18 -5.76 -4.56 21.30
C TYR A 18 -4.45 -4.53 22.10
N LYS A 19 -3.34 -4.08 21.54
CA LYS A 19 -2.05 -4.08 22.25
C LYS A 19 -2.10 -3.12 23.44
N VAL A 20 -3.00 -2.15 23.43
CA VAL A 20 -3.21 -1.26 24.60
C VAL A 20 -3.56 -2.11 25.83
N THR A 21 -4.18 -3.26 25.64
CA THR A 21 -4.74 -4.08 26.75
C THR A 21 -3.81 -5.23 27.13
N HIS A 22 -2.67 -5.41 26.46
CA HIS A 22 -1.85 -6.63 26.65
C HIS A 22 -1.07 -6.59 27.97
N TYR A 23 -0.74 -5.41 28.49
CA TYR A 23 0.03 -5.32 29.76
C TYR A 23 -0.72 -6.02 30.89
N LYS A 24 -2.03 -6.18 30.80
CA LYS A 24 -2.87 -6.87 31.82
C LYS A 24 -2.95 -8.36 31.53
N GLN A 25 -2.38 -8.86 30.45
CA GLN A 25 -2.63 -10.25 29.99
C GLN A 25 -1.41 -11.14 30.13
N TYR A 26 -0.21 -10.59 30.14
CA TYR A 26 1.02 -11.39 30.28
C TYR A 26 1.02 -12.05 31.66
N PRO A 27 1.77 -13.15 31.83
CA PRO A 27 1.84 -13.78 33.13
C PRO A 27 2.37 -12.82 34.18
N PRO A 28 1.75 -12.78 35.38
CA PRO A 28 2.34 -12.02 36.47
C PRO A 28 3.81 -12.39 36.68
N ASN A 29 4.61 -11.44 37.12
CA ASN A 29 6.04 -11.63 37.48
C ASN A 29 6.89 -11.82 36.22
N THR A 30 6.44 -11.28 35.08
CA THR A 30 7.20 -11.32 33.81
C THR A 30 8.07 -10.08 33.69
N SER A 31 9.38 -10.27 33.58
CA SER A 31 10.37 -9.18 33.51
C SER A 31 10.95 -9.00 32.10
N LYS A 32 10.74 -9.97 31.21
CA LYS A 32 11.31 -9.90 29.85
C LYS A 32 10.33 -10.51 28.87
N VAL A 33 10.09 -9.81 27.77
CA VAL A 33 9.45 -10.34 26.55
C VAL A 33 10.43 -10.11 25.40
N TYR A 34 10.78 -11.20 24.73
CA TYR A 34 11.73 -11.24 23.64
C TYR A 34 11.03 -11.79 22.42
N SER A 35 11.08 -11.04 21.33
CA SER A 35 10.31 -11.35 20.11
C SER A 35 11.23 -11.24 18.90
N TYR A 36 10.81 -11.84 17.80
CA TYR A 36 11.67 -11.89 16.60
C TYR A 36 10.80 -11.78 15.35
N PHE A 37 11.44 -11.32 14.27
CA PHE A 37 10.82 -11.20 12.93
C PHE A 37 11.50 -12.19 12.01
N GLU A 38 10.70 -12.87 11.20
CA GLU A 38 11.19 -13.74 10.10
C GLU A 38 10.23 -13.63 8.93
N CYS A 39 10.69 -14.06 7.77
CA CYS A 39 9.87 -14.32 6.57
C CYS A 39 9.64 -15.82 6.55
N ARG A 40 8.56 -16.28 7.17
CA ARG A 40 8.37 -17.73 7.47
CA ARG A 40 8.35 -17.72 7.48
C ARG A 40 8.45 -18.55 6.19
N GLU A 41 9.04 -19.73 6.28
CA GLU A 41 9.00 -20.68 5.14
C GLU A 41 7.55 -21.14 4.98
N LYS A 42 7.14 -21.46 3.76
CA LYS A 42 5.80 -22.07 3.51
C LYS A 42 6.00 -23.40 2.80
N VAL A 52 7.19 -18.22 -8.89
CA VAL A 52 8.29 -17.63 -8.13
C VAL A 52 8.18 -18.03 -6.67
N LYS A 53 9.24 -18.64 -6.18
CA LYS A 53 9.23 -19.15 -4.84
C LYS A 53 9.69 -18.22 -3.72
N TYR A 54 10.40 -17.17 -4.07
CA TYR A 54 10.94 -16.22 -3.11
C TYR A 54 11.68 -16.92 -1.99
N GLU A 55 12.68 -17.70 -2.34
CA GLU A 55 13.48 -18.47 -1.39
C GLU A 55 14.39 -17.64 -0.51
N GLU A 56 14.71 -16.44 -0.93
CA GLU A 56 15.59 -15.55 -0.14
C GLU A 56 15.06 -14.13 -0.19
N THR A 57 15.29 -13.39 0.88
CA THR A 57 14.74 -12.03 1.05
C THR A 57 15.85 -11.01 1.28
N VAL A 58 15.67 -9.83 0.74
CA VAL A 58 16.53 -8.66 1.01
C VAL A 58 16.05 -7.98 2.28
N PHE A 59 16.88 -7.91 3.32
CA PHE A 59 16.51 -7.22 4.56
C PHE A 59 16.77 -5.73 4.35
N TYR A 60 15.71 -4.93 4.29
CA TYR A 60 15.84 -3.49 4.03
C TYR A 60 14.66 -2.75 4.68
N GLY A 61 14.94 -1.63 5.33
CA GLY A 61 13.93 -0.60 5.68
C GLY A 61 13.81 -0.37 7.17
N LEU A 62 14.42 -1.21 8.00
CA LEU A 62 14.30 -1.04 9.47
C LEU A 62 14.92 0.30 9.89
N GLN A 63 16.04 0.70 9.30
CA GLN A 63 16.77 1.93 9.70
C GLN A 63 15.85 3.14 9.53
N TYR A 64 15.05 3.19 8.47
CA TYR A 64 14.02 4.24 8.27
C TYR A 64 13.11 4.29 9.50
N ILE A 65 12.56 3.14 9.89
CA ILE A 65 11.56 3.05 10.99
C ILE A 65 12.24 3.46 12.30
N LEU A 66 13.45 2.96 12.57
CA LEU A 66 14.15 3.29 13.83
C LEU A 66 14.29 4.81 13.95
N ASN A 67 14.73 5.46 12.88
CA ASN A 67 15.05 6.91 12.92
C ASN A 67 13.77 7.74 12.91
N LYS A 68 12.80 7.40 12.06
CA LYS A 68 11.63 8.26 11.91
C LYS A 68 10.72 8.15 13.14
N TYR A 69 10.58 6.96 13.74
CA TYR A 69 9.48 6.70 14.70
C TYR A 69 9.96 6.28 16.09
N LEU A 70 11.11 5.61 16.23
CA LEU A 70 11.44 4.95 17.52
C LEU A 70 12.50 5.70 18.32
N LYS A 71 13.38 6.47 17.70
CA LYS A 71 14.54 7.03 18.44
C LYS A 71 14.18 8.34 19.16
N GLY A 72 14.96 8.60 20.21
CA GLY A 72 14.91 9.87 20.94
C GLY A 72 13.71 9.93 21.87
N LYS A 73 13.29 11.14 22.24
CA LYS A 73 12.16 11.34 23.17
C LYS A 73 10.86 11.16 22.41
N VAL A 74 10.21 10.01 22.59
CA VAL A 74 8.98 9.66 21.83
C VAL A 74 7.77 9.69 22.75
N VAL A 75 7.98 9.96 24.04
CA VAL A 75 6.89 10.09 25.04
C VAL A 75 6.96 11.49 25.63
N THR A 76 5.82 12.16 25.73
CA THR A 76 5.66 13.44 26.48
C THR A 76 4.42 13.36 27.35
N LYS A 77 4.28 14.26 28.32
CA LYS A 77 3.05 14.34 29.14
C LYS A 77 1.84 14.52 28.22
N GLU A 78 1.97 15.37 27.20
CA GLU A 78 0.86 15.69 26.28
C GLU A 78 0.46 14.44 25.47
N LYS A 79 1.43 13.66 25.02
CA LYS A 79 1.14 12.44 24.23
C LYS A 79 0.44 11.40 25.11
N ILE A 80 0.83 11.30 26.39
CA ILE A 80 0.19 10.35 27.33
C ILE A 80 -1.26 10.77 27.53
N GLN A 81 -1.52 12.05 27.81
CA GLN A 81 -2.90 12.52 28.05
C GLN A 81 -3.74 12.31 26.79
N GLU A 82 -3.18 12.61 25.61
CA GLU A 82 -3.94 12.46 24.34
C GLU A 82 -4.34 11.00 24.16
N ALA A 83 -3.38 10.08 24.35
CA ALA A 83 -3.66 8.64 24.24
C ALA A 83 -4.72 8.24 25.26
N LYS A 84 -4.57 8.68 26.51
CA LYS A 84 -5.55 8.33 27.56
C LYS A 84 -6.96 8.76 27.12
N ASP A 85 -7.11 9.99 26.61
CA ASP A 85 -8.41 10.55 26.21
C ASP A 85 -9.00 9.77 25.03
N VAL A 86 -8.18 9.47 24.02
CA VAL A 86 -8.64 8.70 22.83
C VAL A 86 -9.08 7.30 23.26
N TYR A 87 -8.27 6.60 24.02
CA TYR A 87 -8.55 5.19 24.39
C TYR A 87 -9.79 5.07 25.29
N LYS A 88 -10.03 6.05 26.16
CA LYS A 88 -11.25 6.07 27.00
C LYS A 88 -12.49 5.99 26.10
N GLU A 89 -12.49 6.76 25.01
CA GLU A 89 -13.64 6.79 24.08
C GLU A 89 -13.62 5.55 23.19
N HIS A 90 -12.45 5.14 22.71
CA HIS A 90 -12.32 4.04 21.73
C HIS A 90 -12.72 2.69 22.35
N PHE A 91 -12.38 2.47 23.61
CA PHE A 91 -12.74 1.23 24.29
C PHE A 91 -14.00 1.35 25.15
N GLN A 92 -14.44 2.58 25.37
CA GLN A 92 -15.56 2.90 26.26
C GLN A 92 -15.24 2.37 27.65
N ASP A 93 -13.96 2.43 28.01
CA ASP A 93 -13.44 1.95 29.29
C ASP A 93 -12.03 2.50 29.46
N ASP A 94 -11.54 2.47 30.70
CA ASP A 94 -10.20 2.93 30.99
C ASP A 94 -9.34 1.68 31.09
N VAL A 95 -8.58 1.41 30.05
CA VAL A 95 -7.69 0.27 30.04
C VAL A 95 -6.24 0.68 29.74
N PHE A 96 -6.02 1.90 29.31
CA PHE A 96 -4.69 2.35 28.95
C PHE A 96 -3.68 2.38 30.09
N ASN A 97 -2.46 1.93 29.82
CA ASN A 97 -1.40 1.86 30.81
C ASN A 97 -0.69 3.22 30.96
N GLU A 98 -1.41 4.19 31.51
CA GLU A 98 -0.84 5.53 31.76
C GLU A 98 0.39 5.43 32.66
N LYS A 99 0.29 4.62 33.72
CA LYS A 99 1.38 4.47 34.70
C LYS A 99 2.65 3.98 33.98
N GLY A 100 2.53 2.96 33.13
CA GLY A 100 3.69 2.38 32.44
C GLY A 100 4.34 3.36 31.45
N TRP A 101 3.53 4.15 30.75
CA TRP A 101 4.09 5.14 29.80
C TRP A 101 4.71 6.30 30.58
N ASN A 102 4.09 6.70 31.69
CA ASN A 102 4.64 7.79 32.52
C ASN A 102 5.96 7.34 33.12
N TYR A 103 6.10 6.06 33.47
CA TYR A 103 7.37 5.50 33.96
C TYR A 103 8.48 5.75 32.95
N ILE A 104 8.25 5.43 31.68
CA ILE A 104 9.26 5.65 30.61
C ILE A 104 9.58 7.16 30.50
N LEU A 105 8.56 8.00 30.54
CA LEU A 105 8.78 9.46 30.45
C LEU A 105 9.70 9.92 31.59
N GLU A 106 9.39 9.50 32.81
CA GLU A 106 10.09 10.04 34.01
C GLU A 106 11.47 9.40 34.16
N LYS A 107 11.60 8.10 33.90
CA LYS A 107 12.86 7.39 34.17
C LYS A 107 13.87 7.60 33.03
N TYR A 108 13.42 7.64 31.78
CA TYR A 108 14.31 7.61 30.60
C TYR A 108 14.13 8.84 29.71
N ASP A 109 13.50 9.90 30.22
CA ASP A 109 13.18 11.12 29.43
C ASP A 109 12.49 10.68 28.13
N GLY A 110 11.58 9.71 28.22
CA GLY A 110 10.72 9.30 27.10
C GLY A 110 11.44 8.51 26.03
N HIS A 111 12.65 8.02 26.29
CA HIS A 111 13.42 7.12 25.38
C HIS A 111 12.99 5.68 25.63
N LEU A 112 12.78 4.88 24.57
CA LEU A 112 12.25 3.50 24.74
C LEU A 112 13.34 2.56 25.26
N PRO A 113 13.10 1.89 26.41
CA PRO A 113 14.02 0.89 26.95
C PRO A 113 13.86 -0.46 26.23
N ILE A 114 14.37 -0.46 25.01
CA ILE A 114 14.26 -1.58 24.02
C ILE A 114 15.65 -1.79 23.41
N GLU A 115 15.99 -3.04 23.15
CA GLU A 115 17.16 -3.37 22.33
C GLU A 115 16.69 -4.12 21.10
N ILE A 116 17.13 -3.68 19.93
CA ILE A 116 16.83 -4.36 18.65
C ILE A 116 18.15 -4.77 18.05
N LYS A 117 18.24 -6.04 17.68
CA LYS A 117 19.41 -6.62 17.00
C LYS A 117 18.94 -7.09 15.62
N ALA A 118 19.68 -6.77 14.57
CA ALA A 118 19.24 -7.02 13.19
C ALA A 118 20.40 -7.48 12.32
N VAL A 119 20.08 -8.26 11.32
CA VAL A 119 21.02 -8.59 10.23
C VAL A 119 21.31 -7.30 9.47
N PRO A 120 22.52 -7.09 8.94
CA PRO A 120 22.82 -5.86 8.22
C PRO A 120 21.89 -5.64 7.03
N GLU A 121 21.52 -4.39 6.81
CA GLU A 121 20.60 -4.09 5.69
C GLU A 121 21.28 -4.38 4.36
N GLY A 122 20.47 -4.86 3.43
CA GLY A 122 20.92 -5.34 2.13
C GLY A 122 21.28 -6.81 2.16
N PHE A 123 21.45 -7.43 3.34
CA PHE A 123 21.77 -8.88 3.40
C PHE A 123 20.62 -9.64 2.76
N VAL A 124 20.97 -10.67 2.02
CA VAL A 124 20.05 -11.58 1.32
C VAL A 124 20.03 -12.90 2.09
N ILE A 125 18.89 -13.21 2.71
CA ILE A 125 18.79 -14.28 3.74
C ILE A 125 17.70 -15.25 3.31
N PRO A 126 17.93 -16.58 3.36
CA PRO A 126 16.89 -17.53 3.04
C PRO A 126 15.69 -17.40 3.99
N ARG A 127 14.52 -17.78 3.48
CA ARG A 127 13.27 -17.82 4.25
C ARG A 127 13.46 -18.62 5.53
N GLY A 128 12.74 -18.25 6.58
CA GLY A 128 12.68 -19.03 7.83
C GLY A 128 13.85 -18.74 8.74
N ASN A 129 14.50 -17.59 8.56
CA ASN A 129 15.60 -17.16 9.44
C ASN A 129 15.24 -15.92 10.25
N VAL A 130 15.77 -15.82 11.46
CA VAL A 130 15.63 -14.57 12.25
C VAL A 130 16.30 -13.43 11.49
N LEU A 131 15.59 -12.32 11.31
CA LEU A 131 16.12 -11.12 10.68
C LEU A 131 16.39 -10.04 11.72
N PHE A 132 15.52 -9.96 12.72
CA PHE A 132 15.72 -9.04 13.85
C PHE A 132 15.02 -9.53 15.09
N THR A 133 15.51 -9.10 16.23
CA THR A 133 14.94 -9.44 17.53
C THR A 133 14.74 -8.15 18.32
N VAL A 134 13.76 -8.20 19.21
CA VAL A 134 13.37 -7.08 20.05
C VAL A 134 13.18 -7.55 21.49
N GLU A 135 13.71 -6.79 22.44
CA GLU A 135 13.47 -7.13 23.86
C GLU A 135 13.51 -5.85 24.69
N ASN A 136 12.87 -5.88 25.82
CA ASN A 136 12.87 -4.76 26.78
C ASN A 136 14.16 -4.80 27.62
N THR A 137 14.70 -3.63 27.96
CA THR A 137 15.96 -3.52 28.74
C THR A 137 15.65 -3.16 30.20
N ASP A 138 14.40 -2.88 30.52
CA ASP A 138 13.95 -2.59 31.90
C ASP A 138 12.81 -3.54 32.20
N PRO A 139 12.83 -4.28 33.33
CA PRO A 139 11.78 -5.25 33.65
C PRO A 139 10.36 -4.66 33.68
N GLU A 140 10.22 -3.41 34.09
CA GLU A 140 8.91 -2.73 34.14
C GLU A 140 8.29 -2.65 32.74
N CYS A 141 9.11 -2.72 31.69
CA CYS A 141 8.64 -2.45 30.30
C CYS A 141 8.55 -3.76 29.52
N TYR A 142 8.24 -4.87 30.20
CA TYR A 142 8.01 -6.18 29.55
C TYR A 142 6.96 -6.02 28.43
N TRP A 143 5.98 -5.13 28.62
CA TRP A 143 4.83 -4.91 27.71
C TRP A 143 5.25 -4.12 26.46
N LEU A 144 6.41 -3.51 26.46
CA LEU A 144 6.78 -2.56 25.38
C LEU A 144 7.26 -3.31 24.16
N THR A 145 7.89 -4.47 24.33
CA THR A 145 8.42 -5.27 23.21
C THR A 145 7.35 -5.45 22.13
N ASN A 146 6.16 -5.90 22.51
CA ASN A 146 5.12 -6.20 21.50
C ASN A 146 4.23 -4.98 21.26
N TRP A 147 4.29 -3.93 22.07
CA TRP A 147 3.60 -2.66 21.70
C TRP A 147 4.07 -2.26 20.31
N ILE A 148 5.37 -2.30 20.08
CA ILE A 148 5.98 -1.79 18.83
C ILE A 148 6.01 -2.86 17.73
N GLU A 149 5.35 -4.00 17.92
CA GLU A 149 5.22 -5.00 16.82
C GLU A 149 4.62 -4.33 15.58
N THR A 150 3.55 -3.57 15.75
CA THR A 150 2.78 -3.06 14.59
C THR A 150 3.69 -2.20 13.71
N ILE A 151 4.42 -1.29 14.32
CA ILE A 151 5.36 -0.34 13.64
CA ILE A 151 5.26 -0.36 13.52
C ILE A 151 6.46 -1.14 12.95
N LEU A 152 7.03 -2.10 13.67
CA LEU A 152 8.20 -2.83 13.15
C LEU A 152 7.79 -3.79 12.04
N VAL A 153 6.61 -4.38 12.13
CA VAL A 153 6.17 -5.39 11.11
C VAL A 153 5.94 -4.70 9.77
N GLN A 154 5.70 -3.39 9.76
CA GLN A 154 5.57 -2.66 8.47
C GLN A 154 6.89 -2.70 7.69
N SER A 155 7.99 -3.16 8.30
CA SER A 155 9.23 -3.49 7.55
C SER A 155 8.94 -4.54 6.48
N TRP A 156 7.83 -5.28 6.57
CA TRP A 156 7.47 -6.27 5.51
C TRP A 156 7.50 -5.56 4.15
N TYR A 157 7.07 -4.30 4.09
CA TYR A 157 6.85 -3.66 2.80
C TYR A 157 8.18 -3.39 2.10
N PRO A 158 9.14 -2.64 2.69
CA PRO A 158 10.41 -2.44 2.00
C PRO A 158 11.14 -3.78 1.77
N ILE A 159 11.03 -4.74 2.68
CA ILE A 159 11.65 -6.08 2.44
C ILE A 159 11.02 -6.66 1.16
N THR A 160 9.72 -6.63 1.05
CA THR A 160 9.01 -7.34 -0.03
C THR A 160 9.25 -6.62 -1.35
N VAL A 161 9.19 -5.29 -1.36
CA VAL A 161 9.48 -4.54 -2.60
C VAL A 161 10.92 -4.86 -3.02
N ALA A 162 11.88 -4.75 -2.11
CA ALA A 162 13.31 -4.97 -2.47
C ALA A 162 13.50 -6.39 -2.97
N THR A 163 12.83 -7.35 -2.37
CA THR A 163 13.00 -8.78 -2.70
C THR A 163 12.39 -9.03 -4.07
N ASN A 164 11.18 -8.56 -4.30
CA ASN A 164 10.47 -8.80 -5.59
C ASN A 164 11.19 -8.04 -6.73
N SER A 165 11.69 -6.85 -6.48
CA SER A 165 12.51 -6.09 -7.46
C SER A 165 13.77 -6.90 -7.78
N ARG A 166 14.43 -7.46 -6.79
CA ARG A 166 15.66 -8.27 -6.98
C ARG A 166 15.33 -9.53 -7.79
N GLU A 167 14.20 -10.17 -7.55
CA GLU A 167 13.82 -11.40 -8.29
C GLU A 167 13.59 -11.03 -9.76
N GLN A 168 13.03 -9.85 -10.03
CA GLN A 168 12.88 -9.38 -11.43
C GLN A 168 14.25 -9.11 -12.03
N LYS A 169 15.17 -8.56 -11.25
CA LYS A 169 16.56 -8.35 -11.73
C LYS A 169 17.20 -9.69 -12.11
N LYS A 170 16.92 -10.77 -11.38
CA LYS A 170 17.48 -12.10 -11.71
C LYS A 170 16.94 -12.56 -13.06
N ILE A 171 15.66 -12.34 -13.34
CA ILE A 171 15.05 -12.75 -14.64
C ILE A 171 15.71 -11.92 -15.75
N LEU A 172 15.79 -10.62 -15.59
CA LEU A 172 16.40 -9.75 -16.62
C LEU A 172 17.86 -10.16 -16.83
N ALA A 173 18.61 -10.43 -15.76
CA ALA A 173 20.03 -10.81 -15.89
C ALA A 173 20.16 -12.12 -16.68
N LYS A 174 19.31 -13.10 -16.42
CA LYS A 174 19.39 -14.39 -17.11
C LYS A 174 19.14 -14.20 -18.62
N TYR A 175 18.12 -13.42 -18.97
CA TYR A 175 17.77 -13.24 -20.41
C TYR A 175 18.73 -12.30 -21.12
N LEU A 176 19.20 -11.27 -20.43
CA LEU A 176 20.19 -10.34 -21.04
C LEU A 176 21.47 -11.14 -21.31
N LEU A 177 21.90 -11.93 -20.35
CA LEU A 177 23.11 -12.70 -20.54
C LEU A 177 22.93 -13.68 -21.68
N GLU A 178 21.82 -14.38 -21.73
CA GLU A 178 21.60 -15.35 -22.78
C GLU A 178 21.52 -14.74 -24.18
N THR A 179 20.82 -13.63 -24.31
CA THR A 179 20.64 -13.01 -25.62
C THR A 179 21.74 -12.04 -26.06
N SER A 180 22.58 -11.60 -25.15
CA SER A 180 23.63 -10.65 -25.50
C SER A 180 25.04 -11.00 -25.05
N GLY A 181 25.17 -11.90 -24.09
CA GLY A 181 26.47 -12.28 -23.57
C GLY A 181 27.06 -11.43 -22.46
N ASN A 182 26.31 -10.43 -22.01
CA ASN A 182 26.78 -9.57 -20.95
C ASN A 182 25.58 -8.92 -20.22
N LEU A 183 25.87 -8.21 -19.16
CA LEU A 183 24.85 -7.57 -18.34
C LEU A 183 24.81 -6.06 -18.47
N ASP A 184 25.38 -5.51 -19.52
CA ASP A 184 25.43 -4.06 -19.62
C ASP A 184 24.03 -3.41 -19.58
N GLY A 185 23.89 -2.42 -18.71
CA GLY A 185 22.63 -1.66 -18.53
C GLY A 185 21.57 -2.41 -17.74
N LEU A 186 21.90 -3.56 -17.14
CA LEU A 186 20.92 -4.34 -16.33
C LEU A 186 20.24 -3.44 -15.29
N GLU A 187 21.01 -2.56 -14.64
CA GLU A 187 20.55 -1.76 -13.50
CA GLU A 187 20.49 -1.80 -13.48
C GLU A 187 19.56 -0.67 -13.96
N TYR A 188 19.33 -0.53 -15.27
CA TYR A 188 18.35 0.46 -15.81
CA TYR A 188 18.34 0.47 -15.79
C TYR A 188 17.15 -0.24 -16.45
N LYS A 189 17.08 -1.57 -16.38
CA LYS A 189 16.09 -2.32 -17.20
C LYS A 189 14.71 -2.40 -16.55
N LEU A 190 14.55 -2.06 -15.27
CA LEU A 190 13.23 -2.05 -14.59
C LEU A 190 13.09 -0.69 -13.92
N HIS A 191 12.24 0.15 -14.50
CA HIS A 191 12.03 1.54 -14.08
C HIS A 191 10.75 1.66 -13.25
N ASP A 192 10.83 2.39 -12.15
CA ASP A 192 9.68 2.58 -11.22
C ASP A 192 8.74 3.63 -11.80
N PHE A 193 7.53 3.20 -12.13
CA PHE A 193 6.43 4.04 -12.64
C PHE A 193 5.30 4.07 -11.59
N GLY A 194 5.57 3.63 -10.37
CA GLY A 194 4.53 3.47 -9.37
C GLY A 194 4.03 4.55 -8.44
N TYR A 195 4.48 5.78 -8.60
CA TYR A 195 4.10 6.82 -7.66
C TYR A 195 2.58 7.03 -7.55
N ARG A 196 1.89 7.08 -8.68
CA ARG A 196 0.43 7.26 -8.67
C ARG A 196 -0.35 6.05 -8.17
N GLY A 197 0.25 4.87 -8.32
CA GLY A 197 -0.38 3.59 -8.01
C GLY A 197 -0.24 3.05 -6.61
N VAL A 198 0.47 3.77 -5.76
CA VAL A 198 0.61 3.35 -4.35
C VAL A 198 -0.41 4.08 -3.50
N SER A 199 -0.54 3.64 -2.26
CA SER A 199 -1.64 4.04 -1.36
C SER A 199 -1.35 5.35 -0.64
N SER A 200 -0.12 5.88 -0.63
CA SER A 200 0.16 7.17 0.06
C SER A 200 1.51 7.73 -0.39
N GLN A 201 1.71 9.00 -0.06
CA GLN A 201 3.03 9.65 -0.26
C GLN A 201 4.11 8.90 0.52
N GLU A 202 3.83 8.48 1.76
CA GLU A 202 4.89 7.84 2.57
C GLU A 202 5.25 6.50 1.92
N THR A 203 4.23 5.73 1.54
CA THR A 203 4.47 4.43 0.87
C THR A 203 5.31 4.65 -0.39
N ALA A 204 5.02 5.69 -1.17
CA ALA A 204 5.78 5.99 -2.40
C ALA A 204 7.28 6.09 -2.08
N GLY A 205 7.66 6.89 -1.10
CA GLY A 205 9.09 7.07 -0.77
C GLY A 205 9.71 5.75 -0.33
N ILE A 206 9.04 5.02 0.55
CA ILE A 206 9.60 3.75 1.09
C ILE A 206 9.77 2.75 -0.05
N GLY A 207 8.70 2.51 -0.82
CA GLY A 207 8.73 1.53 -1.92
C GLY A 207 9.75 1.91 -2.98
N ALA A 208 9.77 3.17 -3.38
CA ALA A 208 10.73 3.61 -4.41
C ALA A 208 12.16 3.37 -3.91
N SER A 209 12.41 3.65 -2.64
CA SER A 209 13.77 3.47 -2.08
C SER A 209 14.12 1.98 -2.11
N ALA A 210 13.17 1.08 -1.86
CA ALA A 210 13.44 -0.37 -1.85
C ALA A 210 13.78 -0.86 -3.27
N HIS A 211 13.11 -0.32 -4.28
CA HIS A 211 13.42 -0.71 -5.68
C HIS A 211 14.84 -0.24 -6.04
N LEU A 212 15.23 0.93 -5.54
CA LEU A 212 16.57 1.49 -5.85
C LEU A 212 17.69 0.69 -5.17
N VAL A 213 17.38 -0.26 -4.30
CA VAL A 213 18.43 -1.19 -3.80
C VAL A 213 18.98 -1.97 -4.99
N ASN A 214 18.16 -2.24 -6.00
CA ASN A 214 18.49 -3.18 -7.11
C ASN A 214 18.72 -2.44 -8.43
N PHE A 215 18.06 -1.32 -8.63
CA PHE A 215 18.06 -0.60 -9.92
C PHE A 215 18.36 0.88 -9.72
N LYS A 216 18.58 1.59 -10.82
CA LYS A 216 18.91 3.04 -10.77
C LYS A 216 17.85 3.93 -11.40
N GLY A 217 16.83 3.35 -12.05
CA GLY A 217 15.82 4.09 -12.80
C GLY A 217 14.52 4.25 -12.03
N THR A 218 14.11 5.48 -11.79
CA THR A 218 12.84 5.74 -11.07
C THR A 218 12.22 7.05 -11.53
N ASP A 219 10.89 7.06 -11.63
CA ASP A 219 10.10 8.31 -11.70
C ASP A 219 9.46 8.62 -10.35
N THR A 220 9.63 7.75 -9.35
CA THR A 220 9.01 7.98 -8.02
C THR A 220 9.97 8.85 -7.21
N VAL A 221 9.91 10.16 -7.45
CA VAL A 221 10.88 11.17 -6.92
C VAL A 221 10.97 11.05 -5.39
N ALA A 222 9.87 10.72 -4.71
CA ALA A 222 9.84 10.61 -3.24
C ALA A 222 10.94 9.68 -2.72
N GLY A 223 11.37 8.67 -3.47
CA GLY A 223 12.41 7.75 -2.98
C GLY A 223 13.74 8.47 -2.75
N LEU A 224 14.03 9.50 -3.54
CA LEU A 224 15.36 10.17 -3.48
C LEU A 224 15.54 10.82 -2.10
N ALA A 225 14.54 11.57 -1.63
CA ALA A 225 14.64 12.34 -0.37
C ALA A 225 14.75 11.35 0.80
N LEU A 226 14.04 10.24 0.71
CA LEU A 226 14.08 9.26 1.82
C LEU A 226 15.51 8.71 1.93
N ILE A 227 16.10 8.30 0.82
CA ILE A 227 17.47 7.75 0.83
C ILE A 227 18.43 8.80 1.37
N LYS A 228 18.29 10.06 0.94
CA LYS A 228 19.22 11.13 1.35
C LYS A 228 19.12 11.30 2.86
N LYS A 229 17.91 11.28 3.40
CA LYS A 229 17.70 11.61 4.83
C LYS A 229 18.12 10.45 5.72
N TYR A 230 17.83 9.21 5.36
CA TYR A 230 17.90 8.06 6.29
C TYR A 230 19.07 7.12 6.01
N TYR A 231 19.65 7.13 4.81
CA TYR A 231 20.68 6.15 4.42
C TYR A 231 21.94 6.85 3.89
N GLY A 232 21.82 7.62 2.81
CA GLY A 232 22.94 8.40 2.25
C GLY A 232 23.67 7.65 1.15
N THR A 233 24.07 8.37 0.10
CA THR A 233 24.86 7.85 -1.03
C THR A 233 26.06 8.77 -1.26
N LYS A 234 27.17 8.21 -1.72
CA LYS A 234 28.35 8.98 -2.19
C LYS A 234 27.93 9.84 -3.40
N ASP A 235 27.11 9.30 -4.30
CA ASP A 235 26.61 10.06 -5.48
C ASP A 235 25.53 11.05 -5.03
N PRO A 236 25.38 12.21 -5.73
CA PRO A 236 24.36 13.19 -5.38
C PRO A 236 22.95 12.60 -5.26
N VAL A 237 22.56 11.73 -6.22
CA VAL A 237 21.24 11.02 -6.16
C VAL A 237 21.41 9.54 -6.41
N PRO A 238 20.52 8.72 -5.82
CA PRO A 238 20.54 7.27 -6.02
C PRO A 238 19.79 6.77 -7.27
N GLY A 239 18.96 7.62 -7.87
CA GLY A 239 18.11 7.23 -8.99
C GLY A 239 17.98 8.33 -10.03
N TYR A 240 17.69 7.93 -11.27
CA TYR A 240 17.77 8.78 -12.46
C TYR A 240 16.55 8.57 -13.34
N SER A 241 16.24 9.56 -14.15
CA SER A 241 15.18 9.43 -15.17
C SER A 241 15.57 10.20 -16.43
N VAL A 242 14.67 10.14 -17.40
CA VAL A 242 14.83 10.79 -18.73
C VAL A 242 13.51 11.46 -19.07
N PRO A 243 13.55 12.48 -19.95
CA PRO A 243 12.31 13.08 -20.45
C PRO A 243 11.44 12.02 -21.10
N ALA A 244 10.13 12.17 -20.92
CA ALA A 244 9.16 11.23 -21.45
C ALA A 244 7.81 11.91 -21.59
N ALA A 245 7.08 11.50 -22.61
CA ALA A 245 5.73 12.02 -22.86
C ALA A 245 4.73 11.25 -22.01
N GLU A 246 3.56 11.84 -21.85
CA GLU A 246 2.37 11.12 -21.35
C GLU A 246 1.23 11.32 -22.35
N HIS A 247 0.10 10.66 -22.18
CA HIS A 247 -1.01 10.82 -23.13
C HIS A 247 -1.43 12.29 -23.21
N SER A 248 -1.41 13.07 -22.13
CA SER A 248 -1.87 14.47 -22.22
C SER A 248 -0.98 15.25 -23.20
N THR A 249 0.33 15.03 -23.21
CA THR A 249 1.24 15.87 -24.02
C THR A 249 1.17 15.45 -25.48
N ILE A 250 0.68 14.26 -25.80
CA ILE A 250 0.43 13.85 -27.22
C ILE A 250 -0.98 14.31 -27.60
N THR A 251 -1.99 13.91 -26.84
CA THR A 251 -3.41 14.09 -27.24
C THR A 251 -3.79 15.57 -27.23
N ALA A 252 -3.09 16.41 -26.47
CA ALA A 252 -3.39 17.86 -26.44
C ALA A 252 -3.25 18.48 -27.84
N TRP A 253 -2.47 17.87 -28.74
CA TRP A 253 -2.23 18.40 -30.11
C TRP A 253 -3.43 18.15 -31.01
N GLY A 254 -4.35 17.28 -30.59
CA GLY A 254 -5.47 16.82 -31.42
C GLY A 254 -5.11 15.55 -32.17
N LYS A 255 -6.08 14.65 -32.44
CA LYS A 255 -5.78 13.32 -33.02
C LYS A 255 -5.07 13.46 -34.37
N ASP A 256 -5.48 14.42 -35.19
CA ASP A 256 -4.91 14.58 -36.56
C ASP A 256 -3.47 15.10 -36.47
N HIS A 257 -2.96 15.45 -35.28
CA HIS A 257 -1.64 16.12 -35.13
C HIS A 257 -0.70 15.31 -34.24
N GLU A 258 -0.91 14.00 -34.14
CA GLU A 258 -0.01 13.10 -33.36
C GLU A 258 1.41 13.24 -33.88
N LYS A 259 1.60 13.26 -35.20
CA LYS A 259 2.94 13.42 -35.81
C LYS A 259 3.58 14.73 -35.34
N ASP A 260 2.82 15.82 -35.28
CA ASP A 260 3.35 17.14 -34.84
C ASP A 260 3.81 17.03 -33.38
N ALA A 261 3.04 16.33 -32.54
CA ALA A 261 3.40 16.14 -31.12
C ALA A 261 4.75 15.42 -31.05
N PHE A 262 4.88 14.30 -31.75
CA PHE A 262 6.09 13.46 -31.75
C PHE A 262 7.30 14.30 -32.19
N GLU A 263 7.10 15.02 -33.29
CA GLU A 263 8.18 15.82 -33.83
C GLU A 263 8.62 16.89 -32.86
N HIS A 264 7.68 17.57 -32.23
CA HIS A 264 8.03 18.59 -31.29
C HIS A 264 8.79 18.04 -30.09
N ILE A 265 8.30 16.92 -29.56
CA ILE A 265 8.92 16.32 -28.38
C ILE A 265 10.34 15.79 -28.61
N VAL A 266 10.56 15.08 -29.71
CA VAL A 266 11.89 14.55 -29.99
C VAL A 266 12.88 15.68 -30.26
N THR A 267 12.40 16.74 -30.92
CA THR A 267 13.20 17.91 -31.20
C THR A 267 13.58 18.70 -29.93
N GLN A 268 12.64 18.80 -28.99
CA GLN A 268 12.88 19.43 -27.69
C GLN A 268 13.93 18.67 -26.88
N PHE A 269 13.98 17.36 -27.00
CA PHE A 269 14.93 16.57 -26.24
C PHE A 269 15.75 15.76 -27.23
N SER A 270 16.54 16.47 -28.01
CA SER A 270 17.31 15.83 -29.05
C SER A 270 18.67 15.29 -28.61
N SER A 271 19.15 15.71 -27.46
CA SER A 271 20.45 15.27 -26.98
C SER A 271 20.49 14.39 -25.73
N VAL A 272 19.32 13.93 -25.32
CA VAL A 272 19.18 13.00 -24.19
C VAL A 272 18.20 11.91 -24.64
N PRO A 273 18.17 10.76 -23.94
CA PRO A 273 17.16 9.77 -24.33
C PRO A 273 15.76 10.33 -24.07
N VAL A 274 14.84 10.04 -24.98
CA VAL A 274 13.47 10.50 -24.81
C VAL A 274 12.49 9.36 -25.05
N SER A 275 11.58 9.18 -24.11
CA SER A 275 10.54 8.14 -24.18
C SER A 275 9.26 8.78 -24.72
N VAL A 276 8.65 8.20 -25.74
CA VAL A 276 7.43 8.79 -26.33
C VAL A 276 6.33 7.73 -26.40
N VAL A 277 5.31 7.91 -25.56
CA VAL A 277 4.13 7.02 -25.54
C VAL A 277 3.45 7.11 -26.91
N SER A 278 3.25 5.97 -27.53
CA SER A 278 2.98 5.91 -28.99
C SER A 278 1.64 5.25 -29.27
N ASP A 279 0.84 4.96 -28.25
CA ASP A 279 -0.40 4.15 -28.39
C ASP A 279 -1.67 5.01 -28.22
N SER A 280 -1.60 6.32 -28.27
CA SER A 280 -2.77 7.13 -27.99
C SER A 280 -3.94 6.75 -28.89
N TYR A 281 -3.65 6.49 -30.16
CA TYR A 281 -4.68 6.10 -31.12
C TYR A 281 -4.44 4.75 -31.78
N ASP A 282 -3.24 4.56 -32.30
CA ASP A 282 -2.88 3.32 -32.95
C ASP A 282 -1.38 3.16 -32.89
N ILE A 283 -0.96 2.32 -31.97
CA ILE A 283 0.45 2.04 -31.74
C ILE A 283 1.14 1.49 -32.99
N TYR A 284 0.48 0.59 -33.68
CA TYR A 284 1.08 -0.01 -34.87
C TYR A 284 1.28 1.01 -35.99
N ASN A 285 0.29 1.87 -36.19
CA ASN A 285 0.39 2.93 -37.18
C ASN A 285 1.50 3.90 -36.79
N ALA A 286 1.58 4.20 -35.50
CA ALA A 286 2.59 5.13 -35.03
C ALA A 286 3.98 4.60 -35.33
N CYS A 287 4.21 3.32 -35.03
CA CYS A 287 5.50 2.73 -35.30
C CYS A 287 5.84 2.58 -36.78
N GLU A 288 4.90 2.03 -37.54
CA GLU A 288 5.16 1.80 -38.95
C GLU A 288 5.19 3.02 -39.84
N LYS A 289 4.21 3.90 -39.64
CA LYS A 289 4.06 5.07 -40.47
C LYS A 289 4.60 6.37 -39.92
N ILE A 290 4.26 6.71 -38.67
CA ILE A 290 4.78 7.97 -38.17
C ILE A 290 6.27 7.92 -37.84
N TRP A 291 6.68 7.00 -36.98
CA TRP A 291 8.09 6.86 -36.66
C TRP A 291 8.86 6.25 -37.83
N GLY A 292 8.26 5.23 -38.41
CA GLY A 292 8.80 4.42 -39.49
C GLY A 292 9.04 5.12 -40.80
N GLU A 293 8.18 6.07 -41.13
CA GLU A 293 8.30 6.81 -42.39
C GLU A 293 8.35 8.33 -42.25
N ASP A 294 7.31 8.94 -41.71
CA ASP A 294 7.23 10.39 -41.65
C ASP A 294 8.32 11.07 -40.85
N LEU A 295 8.65 10.49 -39.70
CA LEU A 295 9.64 11.07 -38.82
C LEU A 295 10.92 10.27 -38.70
N ARG A 296 11.14 9.36 -39.64
CA ARG A 296 12.32 8.49 -39.61
C ARG A 296 13.64 9.28 -39.62
N HIS A 297 13.68 10.39 -40.35
CA HIS A 297 14.86 11.24 -40.42
C HIS A 297 15.25 11.83 -39.06
N LEU A 298 14.31 11.99 -38.14
CA LEU A 298 14.59 12.54 -36.80
C LEU A 298 15.04 11.45 -35.84
N ILE A 299 14.89 10.18 -36.24
CA ILE A 299 15.29 9.02 -35.38
C ILE A 299 16.70 8.59 -35.78
N VAL A 300 16.98 8.43 -37.07
CA VAL A 300 18.26 7.82 -37.54
C VAL A 300 19.42 8.81 -37.32
N SER A 301 19.13 10.07 -36.99
CA SER A 301 20.12 11.13 -36.70
C SER A 301 20.56 11.12 -35.22
N ARG A 302 19.83 10.41 -34.38
CA ARG A 302 20.10 10.39 -32.95
C ARG A 302 21.33 9.62 -32.50
N SER A 303 21.91 10.05 -31.40
CA SER A 303 23.08 9.39 -30.83
C SER A 303 22.74 8.15 -30.02
N THR A 304 23.77 7.34 -29.80
CA THR A 304 23.68 6.13 -28.99
C THR A 304 23.33 6.46 -27.54
N GLN A 305 23.88 7.58 -27.06
CA GLN A 305 23.60 8.10 -25.73
C GLN A 305 22.20 8.70 -25.59
N ALA A 306 21.58 9.07 -26.71
CA ALA A 306 20.25 9.68 -26.68
C ALA A 306 19.26 9.09 -27.70
N PRO A 307 18.89 7.82 -27.52
CA PRO A 307 17.95 7.19 -28.46
C PRO A 307 16.52 7.60 -28.24
N LEU A 308 15.70 7.34 -29.25
CA LEU A 308 14.27 7.50 -29.09
C LEU A 308 13.84 6.18 -28.48
N ILE A 309 13.06 6.26 -27.41
CA ILE A 309 12.48 5.07 -26.74
C ILE A 309 10.98 5.07 -27.02
N ILE A 310 10.53 4.16 -27.88
CA ILE A 310 9.09 4.04 -28.23
C ILE A 310 8.40 3.30 -27.09
N ARG A 311 7.29 3.84 -26.63
CA ARG A 311 6.57 3.27 -25.46
CA ARG A 311 6.57 3.28 -25.46
C ARG A 311 5.16 2.88 -25.85
N PRO A 312 4.89 1.59 -26.10
CA PRO A 312 3.50 1.09 -26.11
C PRO A 312 2.96 1.17 -24.68
N ASP A 313 1.63 1.20 -24.53
CA ASP A 313 1.05 1.30 -23.17
C ASP A 313 -0.32 0.62 -23.10
N SER A 314 -0.62 -0.34 -23.98
CA SER A 314 -1.95 -0.98 -24.02
C SER A 314 -1.88 -2.26 -24.86
N GLY A 315 -2.91 -3.09 -24.71
CA GLY A 315 -2.97 -4.39 -25.38
C GLY A 315 -2.29 -5.46 -24.56
N ASN A 316 -2.27 -6.66 -25.08
CA ASN A 316 -1.57 -7.79 -24.43
C ASN A 316 -0.09 -7.43 -24.36
N PRO A 317 0.56 -7.38 -23.17
CA PRO A 317 1.94 -6.90 -23.09
C PRO A 317 2.91 -7.65 -24.00
N LEU A 318 2.85 -8.98 -24.02
CA LEU A 318 3.78 -9.78 -24.85
C LEU A 318 3.46 -9.56 -26.33
N ASP A 319 2.19 -9.69 -26.71
CA ASP A 319 1.81 -9.61 -28.14
C ASP A 319 2.20 -8.23 -28.69
N THR A 320 2.02 -7.19 -27.88
CA THR A 320 2.26 -5.81 -28.31
C THR A 320 3.77 -5.58 -28.47
N VAL A 321 4.57 -6.00 -27.49
CA VAL A 321 6.05 -5.90 -27.61
C VAL A 321 6.50 -6.62 -28.88
N LEU A 322 6.04 -7.84 -29.11
CA LEU A 322 6.53 -8.62 -30.28
C LEU A 322 6.11 -7.91 -31.58
N LYS A 323 4.90 -7.37 -31.66
CA LYS A 323 4.43 -6.73 -32.91
C LYS A 323 5.18 -5.41 -33.13
N VAL A 324 5.41 -4.61 -32.08
CA VAL A 324 6.19 -3.37 -32.18
C VAL A 324 7.60 -3.71 -32.69
N LEU A 325 8.25 -4.71 -32.11
CA LEU A 325 9.62 -5.09 -32.57
C LEU A 325 9.55 -5.52 -34.03
N GLU A 326 8.59 -6.35 -34.42
CA GLU A 326 8.51 -6.81 -35.84
CA GLU A 326 8.50 -6.81 -35.84
C GLU A 326 8.36 -5.59 -36.76
N ILE A 327 7.50 -4.64 -36.40
CA ILE A 327 7.28 -3.43 -37.25
C ILE A 327 8.61 -2.68 -37.37
N LEU A 328 9.24 -2.39 -36.23
CA LEU A 328 10.45 -1.53 -36.21
C LEU A 328 11.59 -2.27 -36.94
N GLY A 329 11.66 -3.59 -36.81
CA GLY A 329 12.70 -4.38 -37.50
C GLY A 329 12.60 -4.30 -39.00
N LYS A 330 11.40 -4.03 -39.53
CA LYS A 330 11.18 -3.93 -41.00
C LYS A 330 11.42 -2.49 -41.47
N LYS A 331 11.39 -1.48 -40.61
CA LYS A 331 11.55 -0.06 -41.02
C LYS A 331 12.94 0.48 -40.69
N PHE A 332 13.71 -0.19 -39.84
CA PHE A 332 15.03 0.27 -39.35
C PHE A 332 16.06 -0.83 -39.60
N PRO A 333 17.34 -0.45 -39.76
CA PRO A 333 18.41 -1.42 -40.03
C PRO A 333 18.85 -2.28 -38.83
N VAL A 334 18.26 -3.46 -38.75
CA VAL A 334 18.48 -4.46 -37.66
C VAL A 334 19.79 -5.20 -37.89
N THR A 335 20.56 -5.44 -36.84
CA THR A 335 21.78 -6.26 -36.87
C THR A 335 21.53 -7.57 -36.12
N GLU A 336 22.45 -8.50 -36.25
CA GLU A 336 22.43 -9.76 -35.47
C GLU A 336 23.66 -9.71 -34.58
N ASN A 337 23.46 -9.77 -33.27
CA ASN A 337 24.58 -9.70 -32.30
C ASN A 337 25.33 -11.04 -32.30
N SER A 338 26.37 -11.14 -31.48
CA SER A 338 27.28 -12.31 -31.53
C SER A 338 26.59 -13.57 -31.00
N LYS A 339 25.45 -13.45 -30.32
CA LYS A 339 24.67 -14.62 -29.81
C LYS A 339 23.60 -15.03 -30.83
N GLY A 340 23.45 -14.29 -31.94
CA GLY A 340 22.49 -14.59 -33.00
C GLY A 340 21.13 -13.92 -32.78
N TYR A 341 21.05 -12.95 -31.88
CA TYR A 341 19.79 -12.23 -31.56
C TYR A 341 19.74 -10.89 -32.29
N LYS A 342 18.55 -10.50 -32.69
CA LYS A 342 18.28 -9.28 -33.46
C LYS A 342 18.42 -8.07 -32.54
N LEU A 343 18.99 -7.00 -33.07
CA LEU A 343 19.27 -5.77 -32.32
C LEU A 343 18.86 -4.59 -33.21
N LEU A 344 17.94 -3.77 -32.73
CA LEU A 344 17.60 -2.49 -33.37
C LEU A 344 18.85 -1.63 -33.42
N PRO A 345 18.91 -0.63 -34.32
CA PRO A 345 20.02 0.30 -34.31
C PRO A 345 20.05 1.07 -32.99
N PRO A 346 21.22 1.57 -32.56
CA PRO A 346 21.38 2.07 -31.20
C PRO A 346 20.61 3.36 -30.89
N TYR A 347 20.08 4.03 -31.89
CA TYR A 347 19.28 5.27 -31.72
C TYR A 347 17.80 4.94 -31.44
N LEU A 348 17.45 3.66 -31.37
CA LEU A 348 16.03 3.24 -31.23
C LEU A 348 15.89 2.09 -30.23
N ARG A 349 15.04 2.30 -29.23
CA ARG A 349 14.77 1.30 -28.19
C ARG A 349 13.28 1.32 -27.87
N VAL A 350 12.86 0.35 -27.06
CA VAL A 350 11.43 0.18 -26.66
C VAL A 350 11.36 0.13 -25.14
N ILE A 351 10.33 0.71 -24.56
CA ILE A 351 9.99 0.45 -23.13
C ILE A 351 8.55 -0.03 -23.06
N GLN A 352 8.35 -1.18 -22.43
CA GLN A 352 7.00 -1.69 -22.08
CA GLN A 352 7.00 -1.68 -22.08
C GLN A 352 6.71 -1.28 -20.63
N GLY A 353 5.79 -0.33 -20.45
CA GLY A 353 5.45 0.17 -19.11
C GLY A 353 4.01 -0.05 -18.74
N ASP A 354 3.31 -0.98 -19.38
CA ASP A 354 1.91 -1.35 -19.06
C ASP A 354 1.83 -2.85 -18.73
N GLY A 355 1.13 -3.17 -17.65
CA GLY A 355 0.81 -4.56 -17.27
C GLY A 355 2.04 -5.33 -16.82
N VAL A 356 3.10 -4.67 -16.38
CA VAL A 356 4.36 -5.35 -15.99
C VAL A 356 4.33 -5.68 -14.49
N ASP A 357 4.43 -6.97 -14.22
CA ASP A 357 4.70 -7.52 -12.87
C ASP A 357 5.71 -8.65 -13.06
N ILE A 358 6.13 -9.32 -12.01
CA ILE A 358 7.21 -10.35 -12.13
C ILE A 358 6.77 -11.45 -13.10
N ASN A 359 5.49 -11.80 -13.13
CA ASN A 359 5.00 -12.89 -14.03
C ASN A 359 5.05 -12.41 -15.49
N THR A 360 4.54 -11.22 -15.80
CA THR A 360 4.46 -10.79 -17.22
C THR A 360 5.88 -10.43 -17.69
N LEU A 361 6.75 -9.96 -16.81
CA LEU A 361 8.16 -9.68 -17.19
C LEU A 361 8.78 -10.97 -17.71
N GLN A 362 8.64 -12.05 -16.97
CA GLN A 362 9.16 -13.37 -17.38
C GLN A 362 8.54 -13.73 -18.74
N GLU A 363 7.23 -13.57 -18.90
CA GLU A 363 6.55 -14.00 -20.16
C GLU A 363 7.11 -13.19 -21.33
N ILE A 364 7.35 -11.91 -21.13
CA ILE A 364 7.79 -11.02 -22.24
C ILE A 364 9.23 -11.38 -22.62
N VAL A 365 10.15 -11.51 -21.68
CA VAL A 365 11.57 -11.76 -22.06
C VAL A 365 11.69 -13.16 -22.67
N GLU A 366 10.90 -14.14 -22.22
CA GLU A 366 10.91 -15.49 -22.82
C GLU A 366 10.33 -15.40 -24.24
N GLY A 367 9.26 -14.66 -24.44
CA GLY A 367 8.66 -14.51 -25.78
C GLY A 367 9.63 -13.85 -26.73
N MET A 368 10.32 -12.80 -26.29
CA MET A 368 11.37 -12.12 -27.08
C MET A 368 12.47 -13.11 -27.45
N LYS A 369 12.95 -13.90 -26.49
CA LYS A 369 14.02 -14.88 -26.74
C LYS A 369 13.54 -15.87 -27.81
N GLN A 370 12.30 -16.35 -27.72
CA GLN A 370 11.76 -17.33 -28.70
C GLN A 370 11.70 -16.72 -30.10
N LYS A 371 11.47 -15.40 -30.21
CA LYS A 371 11.39 -14.70 -31.51
C LYS A 371 12.76 -14.09 -31.87
N MET A 372 13.82 -14.47 -31.16
CA MET A 372 15.22 -14.10 -31.48
C MET A 372 15.45 -12.59 -31.39
N TRP A 373 14.79 -11.92 -30.45
CA TRP A 373 15.03 -10.49 -30.13
C TRP A 373 15.89 -10.37 -28.88
N SER A 374 16.98 -9.63 -28.97
CA SER A 374 17.83 -9.39 -27.80
C SER A 374 17.07 -8.60 -26.74
N ILE A 375 17.32 -8.90 -25.48
CA ILE A 375 16.77 -8.09 -24.36
C ILE A 375 17.48 -6.73 -24.34
N GLU A 376 18.58 -6.55 -25.08
CA GLU A 376 19.22 -5.22 -25.22
C GLU A 376 18.22 -4.19 -25.77
N ASN A 377 17.24 -4.66 -26.55
CA ASN A 377 16.29 -3.76 -27.26
C ASN A 377 15.30 -3.08 -26.31
N ILE A 378 15.09 -3.64 -25.12
CA ILE A 378 13.90 -3.30 -24.31
C ILE A 378 14.29 -2.92 -22.88
N ALA A 379 13.45 -2.10 -22.27
CA ALA A 379 13.41 -1.91 -20.82
C ALA A 379 11.95 -1.96 -20.40
N PHE A 380 11.77 -2.05 -19.09
CA PHE A 380 10.41 -2.22 -18.52
C PHE A 380 10.14 -1.12 -17.53
N GLY A 381 8.91 -0.62 -17.57
CA GLY A 381 8.35 0.24 -16.52
C GLY A 381 7.30 -0.54 -15.77
N SER A 382 7.32 -0.45 -14.45
CA SER A 382 6.38 -1.18 -13.59
C SER A 382 5.92 -0.23 -12.49
N GLY A 383 4.61 -0.14 -12.30
CA GLY A 383 3.98 0.77 -11.33
C GLY A 383 3.34 -0.01 -10.21
N GLY A 384 2.05 -0.27 -10.34
CA GLY A 384 1.33 -1.04 -9.31
C GLY A 384 1.97 -2.40 -9.09
N GLY A 385 2.42 -3.08 -10.14
CA GLY A 385 3.08 -4.40 -9.98
C GLY A 385 4.33 -4.35 -9.12
N LEU A 386 5.06 -3.24 -9.18
CA LEU A 386 6.35 -3.06 -8.48
C LEU A 386 6.12 -2.65 -7.03
N LEU A 387 5.20 -1.72 -6.79
CA LEU A 387 5.13 -1.03 -5.46
C LEU A 387 3.83 -1.33 -4.71
N GLN A 388 2.76 -1.78 -5.38
CA GLN A 388 1.44 -1.86 -4.69
C GLN A 388 0.92 -3.28 -4.61
N LYS A 389 1.14 -4.10 -5.63
CA LYS A 389 0.53 -5.45 -5.72
C LYS A 389 1.39 -6.44 -4.93
N LEU A 390 1.51 -6.20 -3.64
CA LEU A 390 2.33 -6.99 -2.69
C LEU A 390 1.63 -6.94 -1.34
N THR A 391 1.71 -8.04 -0.60
CA THR A 391 1.12 -8.13 0.76
C THR A 391 2.13 -8.79 1.69
N ARG A 392 1.88 -8.65 2.98
CA ARG A 392 2.70 -9.25 4.05
C ARG A 392 2.69 -10.77 3.91
N ASP A 393 1.69 -11.33 3.27
CA ASP A 393 1.56 -12.80 3.09
C ASP A 393 2.53 -13.33 2.04
N LEU A 394 3.06 -12.50 1.14
CA LEU A 394 3.90 -13.01 0.02
C LEU A 394 5.13 -13.74 0.59
N LEU A 395 5.79 -13.14 1.57
CA LEU A 395 7.01 -13.72 2.22
C LEU A 395 6.67 -14.17 3.64
N ASN A 396 5.41 -14.15 4.01
CA ASN A 396 4.99 -14.53 5.36
C ASN A 396 5.76 -13.82 6.46
N CYS A 397 5.88 -12.52 6.33
CA CYS A 397 6.59 -11.69 7.33
C CYS A 397 5.79 -11.72 8.63
N SER A 398 6.48 -12.07 9.70
CA SER A 398 5.83 -12.28 10.96
C SER A 398 6.72 -12.00 12.16
N PHE A 399 6.10 -11.53 13.22
CA PHE A 399 6.76 -11.15 14.47
C PHE A 399 6.10 -11.93 15.58
N LYS A 400 6.89 -12.63 16.36
CA LYS A 400 6.37 -13.47 17.44
C LYS A 400 7.30 -13.49 18.65
N CYS A 401 6.70 -13.64 19.81
CA CYS A 401 7.45 -13.83 21.06
C CYS A 401 8.01 -15.26 21.09
N SER A 402 9.30 -15.36 21.35
CA SER A 402 9.98 -16.68 21.49
C SER A 402 10.55 -16.92 22.88
N TYR A 403 10.64 -15.92 23.74
CA TYR A 403 11.30 -16.09 25.03
C TYR A 403 10.69 -15.09 26.01
N VAL A 404 10.41 -15.56 27.22
CA VAL A 404 10.06 -14.66 28.33
C VAL A 404 10.84 -15.06 29.57
N VAL A 405 10.99 -14.10 30.48
CA VAL A 405 11.47 -14.39 31.85
C VAL A 405 10.32 -14.11 32.80
N THR A 406 9.92 -15.13 33.55
CA THR A 406 8.83 -15.04 34.55
C THR A 406 9.37 -15.64 35.85
N ASN A 407 9.25 -14.91 36.95
CA ASN A 407 9.78 -15.33 38.26
C ASN A 407 11.27 -15.63 38.13
N GLY A 408 11.98 -14.83 37.33
CA GLY A 408 13.43 -14.93 37.16
C GLY A 408 13.88 -16.13 36.36
N LEU A 409 12.96 -16.89 35.80
CA LEU A 409 13.29 -18.05 34.99
C LEU A 409 12.89 -17.86 33.53
N GLY A 410 13.84 -18.11 32.64
CA GLY A 410 13.58 -18.02 31.21
C GLY A 410 12.85 -19.23 30.70
N ILE A 411 11.85 -18.98 29.89
CA ILE A 411 11.10 -20.05 29.24
C ILE A 411 10.99 -19.81 27.73
N ASN A 412 11.08 -20.89 27.01
CA ASN A 412 11.01 -20.86 25.55
C ASN A 412 9.51 -20.89 25.21
N VAL A 413 9.06 -19.92 24.42
CA VAL A 413 7.67 -19.62 24.09
C VAL A 413 7.47 -19.77 22.59
N PHE A 414 6.33 -20.32 22.17
CA PHE A 414 6.05 -20.50 20.76
C PHE A 414 4.58 -20.82 20.51
N LYS A 415 4.18 -20.71 19.25
CA LYS A 415 2.83 -21.11 18.83
C LYS A 415 3.02 -22.28 17.86
N ASP A 416 2.06 -23.19 17.84
CA ASP A 416 2.11 -24.36 16.97
C ASP A 416 0.68 -24.78 16.66
N PRO A 417 -0.03 -24.01 15.82
CA PRO A 417 -1.44 -24.34 15.58
C PRO A 417 -1.60 -25.69 14.91
N VAL A 418 -2.56 -26.44 15.39
CA VAL A 418 -2.78 -27.81 14.92
C VAL A 418 -3.09 -27.91 13.43
N ALA A 419 -3.86 -26.97 12.89
CA ALA A 419 -4.26 -27.02 11.48
C ALA A 419 -3.28 -26.37 10.53
N ASP A 420 -2.23 -25.75 11.05
CA ASP A 420 -1.27 -25.12 10.17
C ASP A 420 0.16 -25.14 10.70
N PRO A 421 0.95 -26.16 10.32
CA PRO A 421 2.36 -26.35 10.71
C PRO A 421 3.27 -25.22 10.21
N ASN A 422 2.90 -24.55 9.13
CA ASN A 422 3.61 -23.40 8.58
C ASN A 422 3.65 -22.21 9.55
N LYS A 423 2.64 -22.09 10.42
CA LYS A 423 2.55 -21.04 11.42
C LYS A 423 3.31 -21.33 12.72
N ARG A 424 3.95 -22.49 12.82
CA ARG A 424 4.76 -22.79 14.01
C ARG A 424 5.88 -21.75 14.09
N SER A 425 6.15 -21.27 15.29
CA SER A 425 7.19 -20.26 15.51
C SER A 425 8.38 -20.82 16.26
N LYS A 426 9.50 -20.11 16.20
CA LYS A 426 10.76 -20.51 16.84
C LYS A 426 10.73 -20.39 18.36
N LYS A 427 11.61 -21.15 19.01
CA LYS A 427 11.64 -21.27 20.49
C LYS A 427 12.90 -20.62 21.05
N GLY A 428 12.73 -19.83 22.10
CA GLY A 428 13.85 -19.28 22.83
C GLY A 428 14.64 -18.15 22.25
N ARG A 429 15.80 -17.92 22.82
CA ARG A 429 16.72 -16.90 22.36
C ARG A 429 17.32 -17.35 21.03
N LEU A 430 17.39 -16.43 20.09
CA LEU A 430 17.82 -16.74 18.74
C LEU A 430 19.07 -16.03 18.30
N SER A 431 19.75 -16.61 17.31
CA SER A 431 20.96 -16.03 16.72
C SER A 431 21.08 -16.54 15.30
N LEU A 432 21.68 -15.74 14.43
CA LEU A 432 21.81 -16.06 13.01
C LEU A 432 23.28 -16.28 12.70
N HIS A 433 23.58 -17.41 12.07
CA HIS A 433 24.97 -17.79 11.78
C HIS A 433 25.19 -18.31 10.38
N ARG A 434 26.44 -18.22 9.95
CA ARG A 434 26.85 -18.80 8.69
C ARG A 434 27.10 -20.26 8.99
N THR A 435 26.70 -21.13 8.08
CA THR A 435 26.96 -22.56 8.24
C THR A 435 28.35 -22.88 7.70
N PRO A 436 28.86 -24.11 7.92
CA PRO A 436 30.18 -24.50 7.39
C PRO A 436 30.22 -24.43 5.86
N ALA A 437 29.12 -24.72 5.17
CA ALA A 437 29.00 -24.65 3.71
C ALA A 437 28.74 -23.23 3.18
N GLY A 438 28.64 -22.25 4.06
CA GLY A 438 28.43 -20.87 3.66
C GLY A 438 27.01 -20.39 3.59
N ASN A 439 26.07 -21.23 4.03
CA ASN A 439 24.64 -20.90 4.07
C ASN A 439 24.29 -20.27 5.43
N PHE A 440 22.99 -20.15 5.72
CA PHE A 440 22.59 -19.54 6.97
C PHE A 440 21.77 -20.48 7.83
N VAL A 441 21.89 -20.31 9.13
CA VAL A 441 21.09 -21.09 10.07
C VAL A 441 20.69 -20.22 11.26
N THR A 442 19.45 -20.39 11.71
CA THR A 442 18.95 -19.73 12.93
C THR A 442 19.04 -20.75 14.05
N LEU A 443 19.84 -20.44 15.08
CA LEU A 443 19.93 -21.31 16.28
C LEU A 443 18.88 -20.86 17.28
N GLU A 444 18.16 -21.82 17.84
CA GLU A 444 17.07 -21.60 18.79
C GLU A 444 17.55 -21.96 20.21
N GLU A 445 16.74 -21.61 21.20
CA GLU A 445 16.90 -22.09 22.61
C GLU A 445 18.25 -21.63 23.15
N GLY A 446 18.78 -20.51 22.67
CA GLY A 446 20.04 -19.93 23.18
C GLY A 446 21.24 -20.75 22.77
N LYS A 447 21.11 -21.65 21.80
CA LYS A 447 22.22 -22.56 21.40
C LYS A 447 23.35 -21.76 20.74
N GLY A 448 23.14 -20.53 20.28
CA GLY A 448 24.24 -19.68 19.82
C GLY A 448 25.30 -19.51 20.90
N ASP A 449 24.92 -19.58 22.17
CA ASP A 449 25.82 -19.37 23.33
C ASP A 449 26.88 -20.47 23.39
N LEU A 450 26.66 -21.60 22.76
CA LEU A 450 27.62 -22.70 22.72
C LEU A 450 28.79 -22.40 21.82
N GLU A 451 28.64 -21.41 20.98
CA GLU A 451 29.69 -20.95 20.07
C GLU A 451 30.26 -21.98 19.13
N GLU A 452 29.40 -22.85 18.60
CA GLU A 452 29.84 -23.86 17.67
C GLU A 452 29.73 -23.39 16.24
N TYR A 453 29.11 -22.24 16.05
CA TYR A 453 28.84 -21.70 14.73
C TYR A 453 29.35 -20.34 14.34
N GLY A 454 30.37 -19.83 14.99
CA GLY A 454 30.85 -18.52 14.58
C GLY A 454 29.99 -17.36 15.07
N GLN A 455 30.37 -16.17 14.67
CA GLN A 455 29.68 -15.01 15.17
C GLN A 455 28.21 -14.87 14.77
N ASP A 456 27.42 -14.38 15.70
CA ASP A 456 26.03 -14.09 15.44
C ASP A 456 26.04 -12.92 14.47
N LEU A 457 25.27 -13.03 13.40
CA LEU A 457 25.16 -11.98 12.38
C LEU A 457 24.21 -10.84 12.76
N LEU A 458 23.42 -11.01 13.81
CA LEU A 458 22.54 -9.94 14.33
C LEU A 458 23.44 -8.95 15.07
N HIS A 459 23.29 -7.67 14.79
CA HIS A 459 24.04 -6.58 15.47
C HIS A 459 23.03 -5.68 16.16
N THR A 460 23.37 -5.14 17.32
CA THR A 460 22.52 -4.13 17.97
C THR A 460 22.45 -2.90 17.07
N VAL A 461 21.23 -2.55 16.63
CA VAL A 461 20.97 -1.35 15.80
C VAL A 461 20.20 -0.30 16.60
N PHE A 462 19.56 -0.69 17.69
CA PHE A 462 18.79 0.26 18.53
C PHE A 462 18.92 -0.16 19.98
N LYS A 463 19.23 0.79 20.86
CA LYS A 463 19.24 0.49 22.32
C LYS A 463 18.87 1.75 23.09
N ASN A 464 17.83 1.65 23.92
CA ASN A 464 17.49 2.69 24.92
C ASN A 464 17.39 4.03 24.20
N GLY A 465 16.69 4.07 23.06
CA GLY A 465 16.30 5.31 22.39
C GLY A 465 17.33 5.81 21.41
N LYS A 466 18.43 5.08 21.20
CA LYS A 466 19.52 5.52 20.31
C LYS A 466 19.68 4.50 19.18
N VAL A 467 19.89 5.01 17.97
CA VAL A 467 20.33 4.15 16.85
C VAL A 467 21.83 3.93 17.00
N THR A 468 22.25 2.68 17.13
CA THR A 468 23.63 2.32 17.53
C THR A 468 24.46 1.86 16.34
N LYS A 469 23.85 1.49 15.23
CA LYS A 469 24.57 1.01 14.03
C LYS A 469 23.73 1.37 12.80
N SER A 470 24.35 2.03 11.84
CA SER A 470 23.70 2.52 10.60
C SER A 470 24.46 2.02 9.38
N TYR A 471 23.74 1.92 8.27
CA TYR A 471 24.29 1.47 6.96
C TYR A 471 24.01 2.57 5.95
N SER A 472 24.97 2.82 5.07
CA SER A 472 24.75 3.72 3.92
C SER A 472 23.94 2.98 2.86
N PHE A 473 23.33 3.72 1.96
CA PHE A 473 22.60 3.09 0.84
C PHE A 473 23.59 2.36 -0.08
N ASP A 474 24.82 2.86 -0.18
CA ASP A 474 25.87 2.19 -1.00
C ASP A 474 26.19 0.80 -0.43
N GLU A 475 26.35 0.68 0.89
CA GLU A 475 26.64 -0.60 1.55
C GLU A 475 25.47 -1.57 1.31
N ILE A 476 24.24 -1.06 1.42
CA ILE A 476 23.02 -1.88 1.24
C ILE A 476 23.00 -2.43 -0.19
N ARG A 477 23.26 -1.58 -1.16
CA ARG A 477 23.31 -2.02 -2.57
C ARG A 477 24.39 -3.10 -2.76
N LYS A 478 25.57 -2.92 -2.15
CA LYS A 478 26.65 -3.93 -2.30
C LYS A 478 26.17 -5.26 -1.71
N ASN A 479 25.54 -5.21 -0.54
CA ASN A 479 25.09 -6.44 0.15
C ASN A 479 24.05 -7.17 -0.69
N ALA A 480 23.22 -6.43 -1.45
CA ALA A 480 22.07 -7.00 -2.17
C ALA A 480 22.41 -7.41 -3.60
N GLN A 481 23.67 -7.29 -4.02
CA GLN A 481 24.06 -7.68 -5.41
C GLN A 481 23.67 -9.13 -5.72
N LEU A 482 23.45 -9.41 -6.98
CA LEU A 482 23.16 -10.75 -7.42
C LEU A 482 24.48 -11.52 -7.50
N ASN A 483 24.39 -12.83 -7.40
CA ASN A 483 25.57 -13.68 -7.54
C ASN A 483 26.12 -13.54 -8.95
N ILE A 484 25.25 -13.47 -9.96
CA ILE A 484 25.66 -13.34 -11.38
C ILE A 484 26.46 -12.07 -11.57
N GLU A 485 26.10 -10.97 -10.89
CA GLU A 485 26.87 -9.75 -10.89
C GLU A 485 28.22 -10.02 -10.18
N LEU A 486 28.18 -10.73 -9.06
CA LEU A 486 29.40 -11.03 -8.31
C LEU A 486 30.30 -11.91 -9.15
N PHE B 9 7.25 18.51 3.46
CA PHE B 9 6.76 18.06 2.13
C PHE B 9 7.00 19.18 1.12
N ASN B 10 7.41 18.80 -0.08
CA ASN B 10 7.71 19.73 -1.19
C ASN B 10 6.94 19.25 -2.43
N ILE B 11 5.89 19.95 -2.79
CA ILE B 11 5.03 19.58 -3.91
C ILE B 11 5.80 19.55 -5.23
N LEU B 12 6.89 20.29 -5.31
CA LEU B 12 7.78 20.29 -6.49
C LEU B 12 8.51 18.94 -6.68
N LEU B 13 8.66 18.17 -5.62
CA LEU B 13 9.28 16.87 -5.61
C LEU B 13 8.24 15.76 -5.39
N ALA B 14 6.98 16.08 -5.63
CA ALA B 14 5.88 15.12 -5.40
C ALA B 14 5.09 14.78 -6.65
N THR B 15 5.81 14.63 -7.74
CA THR B 15 5.22 14.25 -9.01
C THR B 15 6.12 13.17 -9.64
N ASP B 16 5.58 12.48 -10.63
CA ASP B 16 6.38 11.52 -11.41
C ASP B 16 7.46 12.34 -12.13
N SER B 17 8.68 11.84 -12.17
CA SER B 17 9.81 12.57 -12.80
C SER B 17 9.42 13.08 -14.19
N TYR B 18 8.81 12.28 -15.05
CA TYR B 18 8.63 12.75 -16.44
C TYR B 18 7.77 14.01 -16.47
N LYS B 19 6.93 14.27 -15.47
CA LYS B 19 6.03 15.46 -15.50
C LYS B 19 6.86 16.74 -15.38
N VAL B 20 8.07 16.65 -14.85
CA VAL B 20 9.00 17.81 -14.79
C VAL B 20 9.24 18.32 -16.22
N THR B 21 9.18 17.43 -17.21
CA THR B 21 9.57 17.77 -18.60
C THR B 21 8.35 18.11 -19.47
N HIS B 22 7.13 18.03 -18.94
CA HIS B 22 5.91 18.15 -19.79
C HIS B 22 5.65 19.60 -20.23
N TYR B 23 6.08 20.59 -19.48
CA TYR B 23 5.84 22.01 -19.84
C TYR B 23 6.44 22.30 -21.22
N LYS B 24 7.47 21.55 -21.63
CA LYS B 24 8.16 21.71 -22.93
C LYS B 24 7.46 20.90 -24.04
N GLN B 25 6.38 20.15 -23.76
CA GLN B 25 5.83 19.14 -24.70
C GLN B 25 4.43 19.51 -25.18
N TYR B 26 3.68 20.30 -24.44
CA TYR B 26 2.31 20.74 -24.83
C TYR B 26 2.43 21.64 -26.06
N PRO B 27 1.35 21.77 -26.86
CA PRO B 27 1.39 22.66 -28.02
C PRO B 27 1.75 24.08 -27.57
N PRO B 28 2.62 24.78 -28.33
CA PRO B 28 2.82 26.21 -28.10
C PRO B 28 1.50 26.98 -27.93
N ASN B 29 1.47 27.95 -27.01
CA ASN B 29 0.33 28.88 -26.79
C ASN B 29 -0.87 28.12 -26.23
N THR B 30 -0.63 27.13 -25.37
CA THR B 30 -1.70 26.42 -24.62
C THR B 30 -1.94 27.20 -23.33
N SER B 31 -3.17 27.69 -23.16
CA SER B 31 -3.58 28.52 -22.00
C SER B 31 -4.36 27.68 -20.99
N LYS B 32 -4.87 26.53 -21.40
CA LYS B 32 -5.69 25.71 -20.48
C LYS B 32 -5.45 24.23 -20.74
N VAL B 33 -5.24 23.51 -19.65
CA VAL B 33 -5.30 22.03 -19.64
C VAL B 33 -6.36 21.66 -18.60
N TYR B 34 -7.33 20.88 -19.05
CA TYR B 34 -8.49 20.44 -18.23
C TYR B 34 -8.48 18.92 -18.23
N SER B 35 -8.48 18.35 -17.04
CA SER B 35 -8.34 16.89 -16.83
C SER B 35 -9.40 16.40 -15.86
N TYR B 36 -9.65 15.10 -15.87
CA TYR B 36 -10.72 14.51 -15.03
C TYR B 36 -10.28 13.14 -14.54
N PHE B 37 -10.91 12.73 -13.45
CA PHE B 37 -10.72 11.42 -12.81
C PHE B 37 -12.00 10.62 -12.93
N GLU B 38 -11.88 9.35 -13.29
CA GLU B 38 -13.01 8.38 -13.26
C GLU B 38 -12.49 7.01 -12.80
N CYS B 39 -13.41 6.18 -12.37
CA CYS B 39 -13.18 4.73 -12.19
C CYS B 39 -13.71 4.07 -13.46
N ARG B 40 -12.85 3.87 -14.45
CA ARG B 40 -13.29 3.48 -15.81
C ARG B 40 -14.12 2.22 -15.76
N GLU B 41 -15.13 2.13 -16.61
CA GLU B 41 -15.86 0.86 -16.85
C GLU B 41 -14.87 -0.13 -17.49
N LYS B 42 -15.06 -1.42 -17.24
CA LYS B 42 -14.22 -2.49 -17.87
C LYS B 42 -15.14 -3.56 -18.47
N VAL B 52 -16.95 -10.52 -7.87
CA VAL B 52 -17.52 -9.23 -7.52
C VAL B 52 -17.23 -8.22 -8.63
N LYS B 53 -18.26 -7.58 -9.11
CA LYS B 53 -18.15 -6.63 -10.21
C LYS B 53 -17.73 -5.16 -9.93
N TYR B 54 -17.94 -4.69 -8.73
CA TYR B 54 -17.67 -3.31 -8.37
C TYR B 54 -18.32 -2.29 -9.31
N GLU B 55 -19.62 -2.40 -9.48
CA GLU B 55 -20.37 -1.53 -10.37
C GLU B 55 -20.50 -0.10 -9.90
N GLU B 56 -20.34 0.15 -8.61
CA GLU B 56 -20.50 1.52 -8.04
C GLU B 56 -19.40 1.75 -7.02
N THR B 57 -18.88 2.97 -6.98
CA THR B 57 -17.72 3.33 -6.14
C THR B 57 -18.13 4.40 -5.13
N VAL B 58 -17.56 4.32 -3.94
CA VAL B 58 -17.70 5.37 -2.89
C VAL B 58 -16.62 6.40 -3.19
N PHE B 59 -17.01 7.65 -3.43
CA PHE B 59 -16.01 8.72 -3.61
C PHE B 59 -15.56 9.22 -2.24
N TYR B 60 -14.33 8.97 -1.86
CA TYR B 60 -13.84 9.34 -0.52
C TYR B 60 -12.34 9.58 -0.60
N GLY B 61 -11.87 10.65 0.05
CA GLY B 61 -10.43 10.83 0.38
C GLY B 61 -9.82 12.07 -0.23
N LEU B 62 -10.49 12.72 -1.19
CA LEU B 62 -9.92 13.91 -1.85
C LEU B 62 -9.70 15.02 -0.82
N GLN B 63 -10.63 15.21 0.11
CA GLN B 63 -10.54 16.31 1.09
C GLN B 63 -9.24 16.20 1.89
N TYR B 64 -8.85 14.97 2.24
CA TYR B 64 -7.56 14.74 2.93
C TYR B 64 -6.41 15.30 2.10
N ILE B 65 -6.39 14.96 0.82
CA ILE B 65 -5.29 15.37 -0.09
C ILE B 65 -5.31 16.90 -0.26
N LEU B 66 -6.48 17.48 -0.47
CA LEU B 66 -6.56 18.95 -0.68
C LEU B 66 -5.95 19.66 0.53
N ASN B 67 -6.31 19.25 1.73
CA ASN B 67 -5.91 19.94 2.98
C ASN B 67 -4.45 19.65 3.28
N LYS B 68 -4.03 18.39 3.20
CA LYS B 68 -2.67 18.03 3.66
C LYS B 68 -1.63 18.54 2.67
N TYR B 69 -1.90 18.49 1.36
CA TYR B 69 -0.83 18.69 0.35
C TYR B 69 -1.05 19.88 -0.59
N LEU B 70 -2.28 20.28 -0.89
CA LEU B 70 -2.49 21.23 -2.00
C LEU B 70 -2.83 22.65 -1.53
N LYS B 71 -3.40 22.84 -0.34
CA LYS B 71 -3.90 24.20 0.03
C LYS B 71 -2.79 25.05 0.63
N GLY B 72 -2.99 26.35 0.51
CA GLY B 72 -2.14 27.38 1.13
C GLY B 72 -0.85 27.60 0.37
N LYS B 73 0.16 28.14 1.06
CA LYS B 73 1.44 28.44 0.42
C LYS B 73 2.24 27.15 0.31
N VAL B 74 2.30 26.58 -0.88
CA VAL B 74 2.95 25.25 -1.09
C VAL B 74 4.25 25.43 -1.86
N VAL B 75 4.55 26.67 -2.28
CA VAL B 75 5.81 27.01 -3.01
C VAL B 75 6.56 28.02 -2.15
N THR B 76 7.86 27.81 -1.97
CA THR B 76 8.79 28.79 -1.35
C THR B 76 10.06 28.87 -2.20
N LYS B 77 10.87 29.91 -2.00
CA LYS B 77 12.18 30.04 -2.69
C LYS B 77 13.00 28.80 -2.39
N GLU B 78 13.00 28.32 -1.14
CA GLU B 78 13.81 27.17 -0.70
C GLU B 78 13.33 25.90 -1.43
N LYS B 79 12.02 25.73 -1.57
CA LYS B 79 11.47 24.51 -2.23
C LYS B 79 11.84 24.50 -3.71
N ILE B 80 11.81 25.66 -4.36
CA ILE B 80 12.21 25.78 -5.78
C ILE B 80 13.71 25.41 -5.90
N GLN B 81 14.57 25.97 -5.05
CA GLN B 81 16.02 25.68 -5.13
C GLN B 81 16.28 24.20 -4.87
N GLU B 82 15.61 23.61 -3.88
CA GLU B 82 15.75 22.16 -3.56
C GLU B 82 15.39 21.33 -4.79
N ALA B 83 14.24 21.61 -5.42
CA ALA B 83 13.79 20.85 -6.60
C ALA B 83 14.78 21.05 -7.76
N LYS B 84 15.19 22.29 -8.00
CA LYS B 84 16.18 22.59 -9.06
C LYS B 84 17.43 21.70 -8.87
N ASP B 85 17.96 21.65 -7.65
CA ASP B 85 19.23 20.93 -7.34
C ASP B 85 19.03 19.42 -7.50
N VAL B 86 17.90 18.88 -7.05
CA VAL B 86 17.62 17.42 -7.19
C VAL B 86 17.48 17.07 -8.68
N TYR B 87 16.66 17.81 -9.42
CA TYR B 87 16.34 17.45 -10.82
C TYR B 87 17.57 17.59 -11.72
N LYS B 88 18.44 18.54 -11.42
CA LYS B 88 19.72 18.68 -12.17
C LYS B 88 20.48 17.34 -12.12
N GLU B 89 20.54 16.70 -10.95
CA GLU B 89 21.28 15.42 -10.78
C GLU B 89 20.44 14.26 -11.33
N HIS B 90 19.14 14.27 -11.07
CA HIS B 90 18.22 13.15 -11.43
C HIS B 90 18.13 12.98 -12.95
N PHE B 91 18.07 14.08 -13.70
CA PHE B 91 18.00 14.03 -15.15
C PHE B 91 19.34 14.20 -15.83
N GLN B 92 20.35 14.60 -15.05
CA GLN B 92 21.70 14.92 -15.54
C GLN B 92 21.59 16.01 -16.64
N ASP B 93 20.73 17.00 -16.41
CA ASP B 93 20.40 18.06 -17.34
C ASP B 93 19.54 19.06 -16.61
N ASP B 94 19.40 20.24 -17.18
CA ASP B 94 18.57 21.26 -16.59
C ASP B 94 17.27 21.30 -17.38
N VAL B 95 16.24 20.68 -16.85
CA VAL B 95 14.97 20.69 -17.52
C VAL B 95 13.84 21.27 -16.66
N PHE B 96 14.12 21.49 -15.41
CA PHE B 96 13.13 21.93 -14.40
C PHE B 96 12.63 23.36 -14.70
N ASN B 97 11.31 23.56 -14.62
CA ASN B 97 10.62 24.82 -14.95
C ASN B 97 10.73 25.79 -13.76
N GLU B 98 11.93 26.27 -13.47
CA GLU B 98 12.18 27.21 -12.35
C GLU B 98 11.31 28.46 -12.53
N LYS B 99 11.26 29.00 -13.75
CA LYS B 99 10.54 30.25 -14.06
C LYS B 99 9.05 30.05 -13.77
N GLY B 100 8.50 28.89 -14.17
CA GLY B 100 7.08 28.58 -13.99
C GLY B 100 6.72 28.53 -12.52
N TRP B 101 7.54 27.88 -11.70
CA TRP B 101 7.27 27.79 -10.23
C TRP B 101 7.51 29.16 -9.58
N ASN B 102 8.53 29.90 -10.01
CA ASN B 102 8.76 31.27 -9.49
C ASN B 102 7.55 32.18 -9.76
N TYR B 103 6.91 32.03 -10.91
CA TYR B 103 5.70 32.81 -11.28
C TYR B 103 4.61 32.59 -10.23
N ILE B 104 4.38 31.33 -9.85
CA ILE B 104 3.34 30.99 -8.84
C ILE B 104 3.72 31.61 -7.50
N LEU B 105 4.98 31.51 -7.13
CA LEU B 105 5.41 32.08 -5.87
C LEU B 105 5.22 33.60 -5.86
N GLU B 106 5.65 34.26 -6.93
CA GLU B 106 5.55 35.72 -7.01
C GLU B 106 4.15 36.31 -7.16
N LYS B 107 3.38 35.72 -8.03
CA LYS B 107 2.05 36.17 -8.33
C LYS B 107 0.96 35.80 -7.36
N TYR B 108 1.09 34.63 -6.78
CA TYR B 108 0.01 34.04 -5.95
C TYR B 108 0.51 33.71 -4.55
N ASP B 109 1.68 34.22 -4.17
CA ASP B 109 2.29 33.90 -2.84
C ASP B 109 2.30 32.37 -2.67
N GLY B 110 2.63 31.64 -3.73
CA GLY B 110 2.84 30.18 -3.72
C GLY B 110 1.56 29.37 -3.55
N HIS B 111 0.40 29.97 -3.80
CA HIS B 111 -0.92 29.28 -3.81
C HIS B 111 -1.18 28.79 -5.22
N LEU B 112 -1.64 27.55 -5.37
CA LEU B 112 -1.81 26.93 -6.71
C LEU B 112 -3.01 27.52 -7.45
N PRO B 113 -2.79 28.10 -8.65
CA PRO B 113 -3.89 28.59 -9.48
C PRO B 113 -4.56 27.45 -10.25
N ILE B 114 -5.34 26.70 -9.49
CA ILE B 114 -6.05 25.46 -9.91
C ILE B 114 -7.47 25.54 -9.39
N GLU B 115 -8.42 25.04 -10.17
CA GLU B 115 -9.80 24.81 -9.72
C GLU B 115 -10.09 23.31 -9.83
N ILE B 116 -10.56 22.74 -8.73
CA ILE B 116 -10.99 21.32 -8.68
C ILE B 116 -12.48 21.30 -8.36
N LYS B 117 -13.24 20.58 -9.18
CA LYS B 117 -14.67 20.33 -8.95
C LYS B 117 -14.86 18.84 -8.69
N ALA B 118 -15.68 18.48 -7.72
CA ALA B 118 -15.79 17.07 -7.30
C ALA B 118 -17.20 16.73 -6.88
N VAL B 119 -17.54 15.46 -7.01
CA VAL B 119 -18.82 14.92 -6.47
CA VAL B 119 -18.80 14.87 -6.46
C VAL B 119 -18.66 14.89 -4.95
N PRO B 120 -19.75 15.11 -4.17
CA PRO B 120 -19.62 15.11 -2.73
C PRO B 120 -19.06 13.79 -2.16
N GLU B 121 -18.23 13.91 -1.14
CA GLU B 121 -17.63 12.70 -0.55
C GLU B 121 -18.69 11.83 0.11
N GLY B 122 -18.47 10.54 -0.01
CA GLY B 122 -19.42 9.51 0.41
C GLY B 122 -20.41 9.16 -0.69
N PHE B 123 -20.53 9.98 -1.74
CA PHE B 123 -21.47 9.65 -2.85
C PHE B 123 -21.05 8.31 -3.45
N VAL B 124 -22.07 7.53 -3.80
CA VAL B 124 -21.94 6.20 -4.43
C VAL B 124 -22.34 6.35 -5.90
N ILE B 125 -21.36 6.20 -6.77
CA ILE B 125 -21.47 6.61 -8.21
C ILE B 125 -21.13 5.40 -9.06
N PRO B 126 -21.93 5.07 -10.08
CA PRO B 126 -21.58 4.00 -11.00
C PRO B 126 -20.24 4.27 -11.70
N ARG B 127 -19.57 3.19 -12.05
CA ARG B 127 -18.32 3.22 -12.83
C ARG B 127 -18.52 4.04 -14.10
N GLY B 128 -17.46 4.69 -14.55
CA GLY B 128 -17.45 5.38 -15.85
C GLY B 128 -18.01 6.80 -15.78
N ASN B 129 -18.10 7.37 -14.59
CA ASN B 129 -18.59 8.75 -14.40
C ASN B 129 -17.46 9.66 -13.95
N VAL B 130 -17.53 10.91 -14.36
CA VAL B 130 -16.59 11.92 -13.83
C VAL B 130 -16.77 12.04 -12.32
N LEU B 131 -15.68 11.94 -11.56
CA LEU B 131 -15.75 12.11 -10.08
C LEU B 131 -15.13 13.43 -9.69
N PHE B 132 -14.07 13.85 -10.37
CA PHE B 132 -13.55 15.23 -10.19
C PHE B 132 -12.85 15.69 -11.46
N THR B 133 -12.75 17.01 -11.58
CA THR B 133 -12.07 17.69 -12.70
C THR B 133 -11.06 18.67 -12.13
N VAL B 134 -10.04 18.95 -12.92
CA VAL B 134 -8.91 19.84 -12.54
C VAL B 134 -8.61 20.74 -13.72
N GLU B 135 -8.45 22.02 -13.48
CA GLU B 135 -8.00 22.94 -14.55
C GLU B 135 -7.22 24.08 -13.92
N ASN B 136 -6.33 24.68 -14.71
CA ASN B 136 -5.55 25.85 -14.29
C ASN B 136 -6.42 27.11 -14.44
N THR B 137 -6.25 28.07 -13.53
CA THR B 137 -7.03 29.33 -13.51
C THR B 137 -6.20 30.50 -14.05
N ASP B 138 -4.94 30.24 -14.37
CA ASP B 138 -4.03 31.25 -14.97
C ASP B 138 -3.43 30.61 -16.22
N PRO B 139 -3.50 31.25 -17.41
CA PRO B 139 -2.94 30.67 -18.63
C PRO B 139 -1.44 30.32 -18.57
N GLU B 140 -0.67 31.03 -17.74
CA GLU B 140 0.78 30.73 -17.55
C GLU B 140 0.97 29.35 -16.92
N CYS B 141 -0.04 28.85 -16.23
CA CYS B 141 0.07 27.61 -15.41
C CYS B 141 -0.67 26.45 -16.08
N TYR B 142 -0.73 26.43 -17.42
CA TYR B 142 -1.30 25.31 -18.22
C TYR B 142 -0.65 23.99 -17.80
N TRP B 143 0.63 24.00 -17.42
CA TRP B 143 1.45 22.81 -17.08
C TRP B 143 1.09 22.27 -15.70
N LEU B 144 0.40 23.05 -14.87
CA LEU B 144 0.22 22.69 -13.44
C LEU B 144 -0.88 21.63 -13.31
N THR B 145 -1.89 21.65 -14.17
CA THR B 145 -3.03 20.70 -14.10
C THR B 145 -2.50 19.28 -13.97
N ASN B 146 -1.60 18.88 -14.86
CA ASN B 146 -1.16 17.46 -14.87
C ASN B 146 0.10 17.27 -14.00
N TRP B 147 0.77 18.32 -13.55
CA TRP B 147 1.80 18.17 -12.51
C TRP B 147 1.22 17.43 -11.31
N ILE B 148 0.00 17.81 -10.89
CA ILE B 148 -0.61 17.30 -9.64
C ILE B 148 -1.46 16.05 -9.94
N GLU B 149 -1.39 15.47 -11.14
CA GLU B 149 -2.05 14.17 -11.39
C GLU B 149 -1.58 13.15 -10.36
N THR B 150 -0.26 13.04 -10.15
CA THR B 150 0.28 11.92 -9.33
C THR B 150 -0.33 11.96 -7.92
N ILE B 151 -0.33 13.13 -7.30
CA ILE B 151 -0.87 13.37 -5.92
CA ILE B 151 -0.84 13.23 -5.91
C ILE B 151 -2.37 13.02 -5.91
N LEU B 152 -3.09 13.52 -6.88
CA LEU B 152 -4.57 13.39 -6.89
C LEU B 152 -4.98 11.95 -7.20
N VAL B 153 -4.25 11.26 -8.07
CA VAL B 153 -4.62 9.88 -8.46
C VAL B 153 -4.47 8.95 -7.26
N GLN B 154 -3.68 9.29 -6.26
CA GLN B 154 -3.59 8.46 -5.02
CA GLN B 154 -3.59 8.45 -5.02
C GLN B 154 -4.94 8.40 -4.31
N SER B 155 -5.91 9.25 -4.67
CA SER B 155 -7.29 9.09 -4.15
CA SER B 155 -7.34 9.11 -4.25
C SER B 155 -7.83 7.70 -4.52
N TRP B 156 -7.23 7.00 -5.49
CA TRP B 156 -7.69 5.64 -5.84
C TRP B 156 -7.78 4.83 -4.55
N TYR B 157 -6.84 5.02 -3.65
CA TYR B 157 -6.69 4.13 -2.49
C TYR B 157 -7.88 4.27 -1.54
N PRO B 158 -8.17 5.46 -0.99
CA PRO B 158 -9.34 5.57 -0.13
C PRO B 158 -10.63 5.22 -0.88
N ILE B 159 -10.76 5.58 -2.14
CA ILE B 159 -11.97 5.20 -2.92
C ILE B 159 -12.08 3.67 -2.90
N THR B 160 -10.99 2.97 -3.19
CA THR B 160 -11.03 1.51 -3.37
C THR B 160 -11.24 0.82 -2.02
N VAL B 161 -10.59 1.29 -0.97
CA VAL B 161 -10.83 0.69 0.36
C VAL B 161 -12.30 0.89 0.72
N ALA B 162 -12.82 2.10 0.61
CA ALA B 162 -14.20 2.40 1.01
C ALA B 162 -15.16 1.56 0.19
N THR B 163 -14.91 1.43 -1.10
CA THR B 163 -15.79 0.68 -2.03
C THR B 163 -15.76 -0.80 -1.64
N ASN B 164 -14.59 -1.39 -1.49
CA ASN B 164 -14.48 -2.85 -1.19
C ASN B 164 -15.04 -3.14 0.20
N SER B 165 -14.84 -2.24 1.15
CA SER B 165 -15.43 -2.38 2.51
C SER B 165 -16.96 -2.36 2.39
N ARG B 166 -17.50 -1.44 1.59
CA ARG B 166 -18.97 -1.32 1.41
C ARG B 166 -19.50 -2.58 0.72
N GLU B 167 -18.79 -3.15 -0.25
CA GLU B 167 -19.26 -4.38 -0.91
C GLU B 167 -19.32 -5.52 0.12
N GLN B 168 -18.37 -5.57 1.03
CA GLN B 168 -18.42 -6.60 2.11
C GLN B 168 -19.60 -6.33 3.02
N LYS B 169 -19.92 -5.08 3.29
CA LYS B 169 -21.10 -4.73 4.10
C LYS B 169 -22.37 -5.24 3.41
N LYS B 170 -22.46 -5.16 2.09
CA LYS B 170 -23.65 -5.65 1.35
C LYS B 170 -23.79 -7.15 1.57
N ILE B 171 -22.70 -7.90 1.52
CA ILE B 171 -22.72 -9.37 1.75
C ILE B 171 -23.17 -9.64 3.18
N LEU B 172 -22.59 -8.96 4.16
CA LEU B 172 -22.96 -9.18 5.57
C LEU B 172 -24.43 -8.81 5.76
N ALA B 173 -24.91 -7.73 5.16
CA ALA B 173 -26.31 -7.29 5.35
C ALA B 173 -27.24 -8.36 4.80
N LYS B 174 -26.97 -8.87 3.61
CA LYS B 174 -27.82 -9.90 2.97
C LYS B 174 -27.93 -11.10 3.91
N TYR B 175 -26.83 -11.61 4.42
CA TYR B 175 -26.85 -12.87 5.20
C TYR B 175 -27.34 -12.62 6.62
N LEU B 176 -27.06 -11.46 7.20
CA LEU B 176 -27.60 -11.17 8.52
C LEU B 176 -29.13 -11.05 8.43
N LEU B 177 -29.62 -10.37 7.41
CA LEU B 177 -31.05 -10.21 7.25
C LEU B 177 -31.72 -11.57 7.02
N GLU B 178 -31.14 -12.41 6.18
CA GLU B 178 -31.68 -13.73 5.89
C GLU B 178 -31.68 -14.66 7.10
N THR B 179 -30.62 -14.63 7.89
CA THR B 179 -30.54 -15.53 9.03
C THR B 179 -31.12 -15.02 10.35
N SER B 180 -31.31 -13.71 10.47
CA SER B 180 -31.83 -13.14 11.70
C SER B 180 -33.08 -12.27 11.58
N GLY B 181 -33.39 -11.80 10.39
CA GLY B 181 -34.53 -10.93 10.18
C GLY B 181 -34.29 -9.46 10.44
N ASN B 182 -33.06 -9.08 10.74
CA ASN B 182 -32.73 -7.68 11.00
C ASN B 182 -31.24 -7.41 10.73
N LEU B 183 -30.86 -6.15 10.84
CA LEU B 183 -29.46 -5.72 10.57
C LEU B 183 -28.76 -5.30 11.87
N ASP B 184 -29.27 -5.70 13.03
CA ASP B 184 -28.64 -5.30 14.32
C ASP B 184 -27.17 -5.71 14.32
N GLY B 185 -26.28 -4.77 14.62
CA GLY B 185 -24.84 -5.02 14.77
C GLY B 185 -24.10 -5.05 13.45
N LEU B 186 -24.76 -4.84 12.30
CA LEU B 186 -24.11 -4.89 10.97
C LEU B 186 -22.82 -4.06 10.99
N GLU B 187 -22.86 -2.85 11.53
CA GLU B 187 -21.75 -1.87 11.41
C GLU B 187 -20.58 -2.31 12.29
N TYR B 188 -20.69 -3.42 13.02
CA TYR B 188 -19.57 -3.96 13.85
C TYR B 188 -19.05 -5.28 13.27
N LYS B 189 -19.58 -5.76 12.16
CA LYS B 189 -19.34 -7.16 11.73
C LYS B 189 -18.04 -7.32 10.92
N LEU B 190 -17.43 -6.22 10.47
CA LEU B 190 -16.14 -6.31 9.76
C LEU B 190 -15.20 -5.35 10.47
N HIS B 191 -14.21 -5.90 11.15
CA HIS B 191 -13.28 -5.15 11.98
C HIS B 191 -11.91 -5.05 11.32
N ASP B 192 -11.34 -3.86 11.35
CA ASP B 192 -10.04 -3.63 10.68
C ASP B 192 -8.89 -4.10 11.57
N PHE B 193 -8.17 -5.09 11.07
CA PHE B 193 -6.99 -5.70 11.68
C PHE B 193 -5.73 -5.38 10.84
N GLY B 194 -5.82 -4.42 9.95
CA GLY B 194 -4.77 -4.17 8.97
C GLY B 194 -3.58 -3.30 9.23
N TYR B 195 -3.44 -2.77 10.42
CA TYR B 195 -2.38 -1.80 10.67
C TYR B 195 -0.97 -2.35 10.36
N ARG B 196 -0.68 -3.57 10.78
CA ARG B 196 0.67 -4.15 10.55
C ARG B 196 0.87 -4.54 9.09
N GLY B 197 -0.21 -4.76 8.35
CA GLY B 197 -0.16 -5.35 6.99
C GLY B 197 -0.23 -4.33 5.88
N VAL B 198 -0.25 -3.05 6.19
CA VAL B 198 -0.17 -2.00 5.15
C VAL B 198 1.28 -1.52 5.02
N SER B 199 1.51 -0.73 4.00
CA SER B 199 2.87 -0.38 3.54
C SER B 199 3.46 0.81 4.30
N SER B 200 2.69 1.59 5.07
CA SER B 200 3.22 2.75 5.81
C SER B 200 2.24 3.22 6.87
N GLN B 201 2.72 4.05 7.78
CA GLN B 201 1.86 4.74 8.77
C GLN B 201 0.82 5.58 8.04
N GLU B 202 1.23 6.30 7.01
CA GLU B 202 0.27 7.19 6.32
C GLU B 202 -0.84 6.37 5.69
N THR B 203 -0.47 5.29 5.02
CA THR B 203 -1.46 4.39 4.40
C THR B 203 -2.40 3.86 5.47
N ALA B 204 -1.88 3.48 6.62
CA ALA B 204 -2.72 2.93 7.70
C ALA B 204 -3.85 3.91 8.03
N GLY B 205 -3.52 5.18 8.24
CA GLY B 205 -4.55 6.18 8.59
C GLY B 205 -5.56 6.33 7.49
N ILE B 206 -5.09 6.49 6.25
CA ILE B 206 -6.01 6.70 5.10
C ILE B 206 -6.93 5.49 4.96
N GLY B 207 -6.36 4.29 4.91
CA GLY B 207 -7.16 3.08 4.68
C GLY B 207 -8.11 2.82 5.82
N ALA B 208 -7.65 2.97 7.06
CA ALA B 208 -8.55 2.77 8.22
C ALA B 208 -9.71 3.75 8.14
N SER B 209 -9.43 5.00 7.77
CA SER B 209 -10.53 6.00 7.69
C SER B 209 -11.54 5.59 6.62
N ALA B 210 -11.09 5.03 5.52
CA ALA B 210 -11.97 4.62 4.42
C ALA B 210 -12.86 3.46 4.86
N HIS B 211 -12.32 2.52 5.63
CA HIS B 211 -13.16 1.41 6.17
C HIS B 211 -14.21 1.98 7.12
N LEU B 212 -13.86 3.01 7.89
CA LEU B 212 -14.80 3.58 8.89
C LEU B 212 -15.91 4.36 8.21
N VAL B 213 -15.86 4.57 6.89
CA VAL B 213 -17.05 5.12 6.17
C VAL B 213 -18.21 4.14 6.34
N ASN B 214 -17.92 2.84 6.41
CA ASN B 214 -18.95 1.78 6.36
C ASN B 214 -19.17 1.08 7.70
N PHE B 215 -18.15 1.03 8.55
CA PHE B 215 -18.16 0.24 9.79
C PHE B 215 -17.66 1.09 10.94
N LYS B 216 -17.82 0.58 12.16
CA LYS B 216 -17.42 1.31 13.37
C LYS B 216 -16.29 0.60 14.12
N GLY B 217 -15.86 -0.57 13.68
CA GLY B 217 -14.86 -1.37 14.41
C GLY B 217 -13.49 -1.32 13.77
N THR B 218 -12.50 -0.91 14.54
CA THR B 218 -11.13 -0.85 14.02
C THR B 218 -10.11 -1.04 15.12
N ASP B 219 -9.00 -1.69 14.79
CA ASP B 219 -7.79 -1.70 15.63
C ASP B 219 -6.71 -0.81 15.01
N THR B 220 -6.99 -0.20 13.86
CA THR B 220 -6.00 0.64 13.17
C THR B 220 -6.17 2.06 13.71
N VAL B 221 -5.57 2.31 14.85
CA VAL B 221 -5.79 3.56 15.66
C VAL B 221 -5.48 4.79 14.81
N ALA B 222 -4.54 4.71 13.87
CA ALA B 222 -4.17 5.84 12.98
C ALA B 222 -5.39 6.46 12.30
N GLY B 223 -6.42 5.68 12.03
CA GLY B 223 -7.61 6.20 11.37
C GLY B 223 -8.34 7.28 12.14
N LEU B 224 -8.38 7.14 13.45
CA LEU B 224 -9.11 8.08 14.27
C LEU B 224 -8.58 9.52 14.19
N ALA B 225 -7.27 9.69 14.27
CA ALA B 225 -6.69 11.02 14.21
C ALA B 225 -6.90 11.69 12.85
N LEU B 226 -6.80 10.90 11.79
CA LEU B 226 -7.00 11.44 10.45
C LEU B 226 -8.42 11.97 10.28
N ILE B 227 -9.39 11.19 10.73
CA ILE B 227 -10.78 11.61 10.62
C ILE B 227 -11.04 12.87 11.45
N LYS B 228 -10.50 12.91 12.65
CA LYS B 228 -10.70 14.05 13.52
C LYS B 228 -10.10 15.32 12.91
N LYS B 229 -8.90 15.20 12.37
CA LYS B 229 -8.21 16.33 11.75
C LYS B 229 -8.77 16.85 10.43
N TYR B 230 -9.15 15.94 9.55
CA TYR B 230 -9.60 16.32 8.22
C TYR B 230 -11.07 16.27 7.88
N TYR B 231 -11.86 15.57 8.68
CA TYR B 231 -13.28 15.44 8.40
C TYR B 231 -14.19 15.84 9.54
N GLY B 232 -14.00 15.21 10.68
CA GLY B 232 -14.74 15.49 11.90
C GLY B 232 -16.00 14.67 12.08
N THR B 233 -16.29 14.39 13.35
CA THR B 233 -17.49 13.65 13.74
C THR B 233 -18.09 14.29 14.99
N LYS B 234 -19.41 14.20 15.11
CA LYS B 234 -20.09 14.69 16.30
C LYS B 234 -19.66 13.87 17.52
N ASP B 235 -19.55 12.56 17.32
CA ASP B 235 -19.11 11.69 18.39
C ASP B 235 -17.61 11.88 18.69
N PRO B 236 -17.18 11.59 19.91
CA PRO B 236 -15.75 11.79 20.22
C PRO B 236 -14.81 10.98 19.32
N VAL B 237 -15.15 9.73 19.00
CA VAL B 237 -14.32 8.93 18.09
C VAL B 237 -15.21 8.26 17.04
N PRO B 238 -14.66 8.04 15.84
CA PRO B 238 -15.41 7.36 14.79
C PRO B 238 -15.38 5.83 14.82
N GLY B 239 -14.50 5.26 15.63
CA GLY B 239 -14.30 3.81 15.65
C GLY B 239 -13.96 3.31 17.02
N TYR B 240 -14.23 2.04 17.25
CA TYR B 240 -14.24 1.41 18.59
C TYR B 240 -13.53 0.07 18.53
N SER B 241 -13.04 -0.38 19.67
CA SER B 241 -12.49 -1.73 19.81
C SER B 241 -12.79 -2.28 21.19
N VAL B 242 -12.31 -3.48 21.43
CA VAL B 242 -12.50 -4.24 22.69
C VAL B 242 -11.17 -4.85 23.05
N PRO B 243 -10.94 -5.14 24.34
CA PRO B 243 -9.75 -5.88 24.74
C PRO B 243 -9.69 -7.20 24.00
N ALA B 244 -8.48 -7.62 23.68
CA ALA B 244 -8.27 -8.86 22.92
C ALA B 244 -6.85 -9.37 23.14
N ALA B 245 -6.73 -10.68 23.16
CA ALA B 245 -5.42 -11.36 23.29
C ALA B 245 -4.73 -11.47 21.94
N GLU B 246 -3.42 -11.67 21.98
CA GLU B 246 -2.61 -12.08 20.82
C GLU B 246 -1.85 -13.33 21.21
N HIS B 247 -1.18 -13.97 20.27
CA HIS B 247 -0.44 -15.21 20.60
C HIS B 247 0.58 -14.92 21.70
N SER B 248 1.25 -13.78 21.72
CA SER B 248 2.28 -13.56 22.77
C SER B 248 1.65 -13.63 24.17
N THR B 249 0.45 -13.10 24.37
CA THR B 249 -0.13 -13.03 25.74
C THR B 249 -0.68 -14.38 26.15
N ILE B 250 -0.90 -15.32 25.22
CA ILE B 250 -1.30 -16.70 25.58
C ILE B 250 -0.03 -17.54 25.74
N THR B 251 0.84 -17.54 24.74
CA THR B 251 1.98 -18.47 24.66
C THR B 251 3.01 -18.14 25.74
N ALA B 252 3.08 -16.88 26.20
CA ALA B 252 4.05 -16.48 27.25
C ALA B 252 3.84 -17.29 28.53
N TRP B 253 2.65 -17.83 28.76
CA TRP B 253 2.34 -18.61 29.98
C TRP B 253 2.96 -20.01 29.92
N GLY B 254 3.40 -20.46 28.75
CA GLY B 254 3.85 -21.85 28.50
C GLY B 254 2.72 -22.71 27.98
N LYS B 255 3.00 -23.70 27.13
CA LYS B 255 1.95 -24.50 26.44
C LYS B 255 1.04 -25.21 27.46
N ASP B 256 1.61 -25.66 28.58
CA ASP B 256 0.85 -26.43 29.59
C ASP B 256 -0.05 -25.50 30.40
N HIS B 257 0.05 -24.18 30.20
CA HIS B 257 -0.71 -23.19 31.01
C HIS B 257 -1.63 -22.33 30.15
N GLU B 258 -2.05 -22.83 28.99
CA GLU B 258 -3.00 -22.09 28.15
C GLU B 258 -4.29 -21.80 28.93
N LYS B 259 -4.77 -22.74 29.72
CA LYS B 259 -5.99 -22.53 30.54
C LYS B 259 -5.76 -21.37 31.51
N ASP B 260 -4.58 -21.31 32.12
CA ASP B 260 -4.28 -20.23 33.10
CA ASP B 260 -4.26 -20.23 33.10
C ASP B 260 -4.29 -18.88 32.38
N ALA B 261 -3.75 -18.80 31.18
CA ALA B 261 -3.77 -17.56 30.38
C ALA B 261 -5.22 -17.15 30.15
N PHE B 262 -6.03 -18.06 29.63
CA PHE B 262 -7.44 -17.77 29.32
C PHE B 262 -8.16 -17.26 30.57
N GLU B 263 -7.98 -17.97 31.68
CA GLU B 263 -8.66 -17.60 32.92
C GLU B 263 -8.26 -16.21 33.39
N HIS B 264 -6.97 -15.92 33.32
CA HIS B 264 -6.47 -14.63 33.74
C HIS B 264 -7.04 -13.52 32.87
N ILE B 265 -7.01 -13.72 31.57
CA ILE B 265 -7.50 -12.72 30.65
C ILE B 265 -9.00 -12.43 30.75
N VAL B 266 -9.85 -13.45 30.82
CA VAL B 266 -11.29 -13.20 30.95
C VAL B 266 -11.67 -12.56 32.29
N THR B 267 -10.93 -12.91 33.34
CA THR B 267 -11.10 -12.32 34.67
C THR B 267 -10.70 -10.85 34.69
N GLN B 268 -9.63 -10.51 33.98
CA GLN B 268 -9.16 -9.13 33.86
C GLN B 268 -10.18 -8.24 33.15
N PHE B 269 -10.90 -8.80 32.18
CA PHE B 269 -11.87 -8.05 31.41
C PHE B 269 -13.21 -8.75 31.54
N SER B 270 -13.67 -8.78 32.78
CA SER B 270 -14.94 -9.40 33.17
C SER B 270 -16.19 -8.67 32.72
N SER B 271 -16.11 -7.35 32.61
CA SER B 271 -17.26 -6.52 32.31
C SER B 271 -17.38 -5.84 30.95
N VAL B 272 -16.47 -6.17 30.06
CA VAL B 272 -16.50 -5.66 28.68
C VAL B 272 -16.30 -6.87 27.75
N PRO B 273 -16.69 -6.74 26.47
CA PRO B 273 -16.42 -7.90 25.62
C PRO B 273 -14.91 -8.18 25.52
N VAL B 274 -14.54 -9.45 25.49
CA VAL B 274 -13.13 -9.78 25.38
C VAL B 274 -12.94 -10.86 24.32
N SER B 275 -12.01 -10.61 23.41
CA SER B 275 -11.66 -11.54 22.35
C SER B 275 -10.42 -12.32 22.76
N VAL B 276 -10.47 -13.64 22.64
CA VAL B 276 -9.33 -14.48 23.06
C VAL B 276 -8.94 -15.45 21.94
N VAL B 277 -7.75 -15.21 21.37
CA VAL B 277 -7.23 -16.05 20.31
C VAL B 277 -7.01 -17.44 20.94
N SER B 278 -7.66 -18.43 20.34
CA SER B 278 -7.68 -19.77 20.91
C SER B 278 -6.99 -20.89 20.14
N ASP B 279 -6.22 -20.52 19.13
CA ASP B 279 -5.57 -21.50 18.26
C ASP B 279 -4.08 -21.65 18.44
N SER B 280 -3.52 -21.20 19.55
CA SER B 280 -2.07 -21.27 19.74
C SER B 280 -1.52 -22.68 19.60
N TYR B 281 -2.21 -23.67 20.14
CA TYR B 281 -1.80 -25.06 20.02
C TYR B 281 -2.86 -25.96 19.37
N ASP B 282 -4.09 -25.88 19.86
CA ASP B 282 -5.17 -26.69 19.31
C ASP B 282 -6.50 -25.97 19.55
N ILE B 283 -7.01 -25.35 18.50
CA ILE B 283 -8.25 -24.57 18.58
C ILE B 283 -9.44 -25.43 19.00
N TYR B 284 -9.49 -26.66 18.50
CA TYR B 284 -10.60 -27.56 18.81
C TYR B 284 -10.60 -28.00 20.28
N ASN B 285 -9.43 -28.35 20.79
CA ASN B 285 -9.24 -28.64 22.24
C ASN B 285 -9.61 -27.41 23.06
N ALA B 286 -9.11 -26.24 22.68
CA ALA B 286 -9.39 -25.00 23.43
C ALA B 286 -10.91 -24.81 23.52
N CYS B 287 -11.62 -24.92 22.43
CA CYS B 287 -13.06 -24.75 22.49
C CYS B 287 -13.80 -25.83 23.26
N GLU B 288 -13.50 -27.06 22.98
CA GLU B 288 -14.21 -28.15 23.64
C GLU B 288 -13.88 -28.42 25.09
N LYS B 289 -12.61 -28.41 25.40
CA LYS B 289 -12.14 -28.74 26.73
C LYS B 289 -11.80 -27.56 27.63
N ILE B 290 -11.07 -26.58 27.14
CA ILE B 290 -10.75 -25.48 28.03
C ILE B 290 -11.93 -24.53 28.23
N TRP B 291 -12.48 -23.97 27.15
CA TRP B 291 -13.65 -23.10 27.26
C TRP B 291 -14.90 -23.90 27.62
N GLY B 292 -15.04 -25.04 26.93
CA GLY B 292 -16.17 -25.94 27.05
C GLY B 292 -16.38 -26.60 28.37
N GLU B 293 -15.28 -26.94 29.04
CA GLU B 293 -15.37 -27.62 30.31
C GLU B 293 -14.65 -26.93 31.47
N ASP B 294 -13.34 -26.75 31.35
CA ASP B 294 -12.55 -26.21 32.45
C ASP B 294 -12.94 -24.81 32.90
N LEU B 295 -13.20 -23.93 31.93
CA LEU B 295 -13.52 -22.54 32.23
C LEU B 295 -14.96 -22.14 31.90
N ARG B 296 -15.81 -23.13 31.70
CA ARG B 296 -17.18 -22.88 31.30
C ARG B 296 -17.91 -21.98 32.29
N HIS B 297 -17.60 -22.16 33.57
CA HIS B 297 -18.25 -21.39 34.66
C HIS B 297 -17.92 -19.89 34.55
N LEU B 298 -16.81 -19.52 33.89
CA LEU B 298 -16.39 -18.11 33.72
C LEU B 298 -17.03 -17.52 32.46
N ILE B 299 -17.61 -18.36 31.61
CA ILE B 299 -18.26 -17.90 30.35
C ILE B 299 -19.75 -17.69 30.59
N VAL B 300 -20.42 -18.68 31.16
CA VAL B 300 -21.88 -18.63 31.34
C VAL B 300 -22.36 -17.52 32.29
N SER B 301 -21.45 -17.01 33.09
CA SER B 301 -21.72 -15.92 34.02
C SER B 301 -21.62 -14.51 33.42
N ARG B 302 -21.13 -14.41 32.20
CA ARG B 302 -20.94 -13.13 31.52
C ARG B 302 -22.21 -12.49 31.00
N SER B 303 -22.19 -11.16 30.93
CA SER B 303 -23.33 -10.42 30.42
C SER B 303 -23.40 -10.37 28.89
N THR B 304 -24.58 -10.03 28.39
CA THR B 304 -24.85 -9.86 26.98
C THR B 304 -24.01 -8.72 26.37
N GLN B 305 -23.76 -7.69 27.16
CA GLN B 305 -22.93 -6.58 26.73
C GLN B 305 -21.42 -6.91 26.79
N ALA B 306 -21.05 -8.00 27.47
CA ALA B 306 -19.66 -8.37 27.61
C ALA B 306 -19.40 -9.86 27.36
N PRO B 307 -19.68 -10.33 26.16
CA PRO B 307 -19.43 -11.74 25.88
C PRO B 307 -17.96 -12.09 25.70
N LEU B 308 -17.67 -13.37 25.84
CA LEU B 308 -16.37 -13.89 25.46
C LEU B 308 -16.48 -14.06 23.95
N ILE B 309 -15.49 -13.58 23.23
CA ILE B 309 -15.45 -13.77 21.79
C ILE B 309 -14.27 -14.70 21.50
N ILE B 310 -14.57 -15.91 21.08
CA ILE B 310 -13.54 -16.88 20.78
C ILE B 310 -13.00 -16.62 19.38
N ARG B 311 -11.69 -16.56 19.27
CA ARG B 311 -11.07 -16.28 17.99
C ARG B 311 -10.13 -17.36 17.46
N PRO B 312 -10.58 -18.06 16.41
CA PRO B 312 -9.67 -18.96 15.69
C PRO B 312 -8.78 -18.08 14.81
N ASP B 313 -7.60 -18.55 14.47
CA ASP B 313 -6.72 -17.75 13.62
C ASP B 313 -5.92 -18.56 12.61
N SER B 314 -6.34 -19.79 12.32
CA SER B 314 -5.59 -20.64 11.40
C SER B 314 -6.47 -21.74 10.83
N GLY B 315 -5.98 -22.36 9.78
CA GLY B 315 -6.71 -23.42 9.10
C GLY B 315 -7.61 -22.87 8.02
N ASN B 316 -8.32 -23.75 7.33
CA ASN B 316 -9.26 -23.30 6.29
C ASN B 316 -10.30 -22.42 6.97
N PRO B 317 -10.47 -21.15 6.57
CA PRO B 317 -11.39 -20.26 7.29
C PRO B 317 -12.82 -20.79 7.44
N LEU B 318 -13.46 -21.30 6.37
CA LEU B 318 -14.84 -21.81 6.51
C LEU B 318 -14.85 -23.07 7.39
N ASP B 319 -13.98 -24.03 7.10
CA ASP B 319 -14.02 -25.34 7.81
C ASP B 319 -13.78 -25.11 9.30
N THR B 320 -12.88 -24.18 9.64
CA THR B 320 -12.55 -23.91 11.06
C THR B 320 -13.74 -23.23 11.74
N VAL B 321 -14.37 -22.26 11.09
CA VAL B 321 -15.56 -21.59 11.68
C VAL B 321 -16.64 -22.65 11.91
N LEU B 322 -16.92 -23.50 10.93
CA LEU B 322 -18.04 -24.47 11.08
C LEU B 322 -17.74 -25.46 12.22
N LYS B 323 -16.49 -25.90 12.33
CA LYS B 323 -16.14 -26.88 13.38
C LYS B 323 -16.17 -26.21 14.76
N VAL B 324 -15.65 -24.99 14.88
CA VAL B 324 -15.73 -24.22 16.15
C VAL B 324 -17.20 -24.07 16.55
N LEU B 325 -18.08 -23.69 15.63
CA LEU B 325 -19.50 -23.51 15.97
C LEU B 325 -20.11 -24.86 16.37
N GLU B 326 -19.80 -25.96 15.67
CA GLU B 326 -20.37 -27.28 16.04
CA GLU B 326 -20.39 -27.28 16.05
C GLU B 326 -19.90 -27.63 17.46
N ILE B 327 -18.62 -27.43 17.75
CA ILE B 327 -18.09 -27.73 19.11
C ILE B 327 -18.85 -26.92 20.15
N LEU B 328 -18.94 -25.61 19.97
CA LEU B 328 -19.53 -24.71 20.99
C LEU B 328 -21.02 -25.00 21.12
N GLY B 329 -21.69 -25.38 20.04
CA GLY B 329 -23.13 -25.70 20.07
C GLY B 329 -23.42 -26.92 20.93
N LYS B 330 -22.45 -27.80 21.10
CA LYS B 330 -22.61 -29.04 21.91
C LYS B 330 -22.25 -28.78 23.36
N LYS B 331 -21.47 -27.73 23.66
CA LYS B 331 -21.03 -27.44 25.04
C LYS B 331 -21.84 -26.32 25.68
N PHE B 332 -22.55 -25.51 24.91
CA PHE B 332 -23.30 -24.33 25.41
C PHE B 332 -24.76 -24.42 24.98
N PRO B 333 -25.68 -23.78 25.74
CA PRO B 333 -27.10 -23.84 25.39
C PRO B 333 -27.55 -23.01 24.18
N VAL B 334 -27.59 -23.67 23.02
CA VAL B 334 -27.97 -23.05 21.72
C VAL B 334 -29.49 -22.86 21.63
N THR B 335 -29.91 -21.74 21.07
CA THR B 335 -31.33 -21.45 20.82
C THR B 335 -31.59 -21.43 19.32
N GLU B 336 -32.85 -21.41 18.94
CA GLU B 336 -33.24 -21.23 17.53
C GLU B 336 -33.93 -19.88 17.43
N ASN B 337 -33.42 -18.98 16.60
CA ASN B 337 -34.01 -17.63 16.46
C ASN B 337 -35.31 -17.71 15.65
N SER B 338 -35.95 -16.57 15.44
CA SER B 338 -37.29 -16.51 14.82
C SER B 338 -37.23 -16.93 13.34
N LYS B 339 -36.04 -17.01 12.73
CA LYS B 339 -35.84 -17.41 11.32
C LYS B 339 -35.46 -18.88 11.22
N GLY B 340 -35.32 -19.57 12.35
CA GLY B 340 -35.00 -21.00 12.36
C GLY B 340 -33.51 -21.27 12.37
N TYR B 341 -32.68 -20.25 12.63
CA TYR B 341 -31.20 -20.40 12.64
C TYR B 341 -30.69 -20.50 14.07
N LYS B 342 -29.61 -21.25 14.22
CA LYS B 342 -29.01 -21.53 15.55
C LYS B 342 -28.26 -20.30 16.05
N LEU B 343 -28.36 -20.07 17.36
CA LEU B 343 -27.80 -18.89 18.02
C LEU B 343 -27.13 -19.34 19.31
N LEU B 344 -25.84 -19.11 19.44
CA LEU B 344 -25.11 -19.32 20.71
C LEU B 344 -25.76 -18.45 21.76
N PRO B 345 -25.60 -18.79 23.06
CA PRO B 345 -26.06 -17.90 24.11
C PRO B 345 -25.36 -16.56 24.02
N PRO B 346 -25.98 -15.47 24.50
CA PRO B 346 -25.49 -14.13 24.24
C PRO B 346 -24.15 -13.78 24.88
N TYR B 347 -23.68 -14.58 25.83
CA TYR B 347 -22.37 -14.39 26.48
C TYR B 347 -21.23 -15.02 25.63
N LEU B 348 -21.52 -15.59 24.47
CA LEU B 348 -20.51 -16.32 23.68
C LEU B 348 -20.66 -15.99 22.20
N ARG B 349 -19.58 -15.51 21.60
CA ARG B 349 -19.54 -15.20 20.16
C ARG B 349 -18.21 -15.66 19.58
N VAL B 350 -18.07 -15.53 18.27
CA VAL B 350 -16.86 -15.95 17.52
C VAL B 350 -16.41 -14.80 16.63
N ILE B 351 -15.11 -14.66 16.48
CA ILE B 351 -14.55 -13.77 15.42
C ILE B 351 -13.58 -14.60 14.58
N GLN B 352 -13.80 -14.57 13.27
CA GLN B 352 -12.81 -15.14 12.32
CA GLN B 352 -12.82 -15.13 12.31
C GLN B 352 -11.98 -13.97 11.79
N GLY B 353 -10.71 -13.93 12.16
CA GLY B 353 -9.79 -12.84 11.81
C GLY B 353 -8.61 -13.29 10.99
N ASP B 354 -8.66 -14.47 10.37
CA ASP B 354 -7.59 -15.00 9.51
C ASP B 354 -8.15 -15.31 8.11
N GLY B 355 -7.41 -14.90 7.08
CA GLY B 355 -7.71 -15.24 5.67
C GLY B 355 -8.98 -14.61 5.18
N VAL B 356 -9.43 -13.50 5.79
CA VAL B 356 -10.69 -12.84 5.39
C VAL B 356 -10.41 -11.80 4.32
N ASP B 357 -11.04 -11.98 3.17
CA ASP B 357 -11.15 -10.95 2.13
C ASP B 357 -12.57 -11.04 1.60
N ILE B 358 -12.92 -10.24 0.62
CA ILE B 358 -14.32 -10.20 0.16
C ILE B 358 -14.77 -11.58 -0.34
N ASN B 359 -13.87 -12.37 -0.92
CA ASN B 359 -14.25 -13.70 -1.47
C ASN B 359 -14.47 -14.69 -0.33
N THR B 360 -13.56 -14.75 0.64
CA THR B 360 -13.69 -15.77 1.71
C THR B 360 -14.83 -15.35 2.67
N LEU B 361 -15.08 -14.05 2.83
CA LEU B 361 -16.23 -13.58 3.64
C LEU B 361 -17.50 -14.18 3.08
N GLN B 362 -17.71 -14.03 1.78
CA GLN B 362 -18.88 -14.62 1.09
C GLN B 362 -18.94 -16.13 1.34
N GLU B 363 -17.83 -16.82 1.19
CA GLU B 363 -17.79 -18.29 1.34
C GLU B 363 -18.20 -18.66 2.78
N ILE B 364 -17.73 -17.92 3.77
CA ILE B 364 -17.98 -18.28 5.18
C ILE B 364 -19.46 -18.04 5.50
N VAL B 365 -20.02 -16.88 5.15
CA VAL B 365 -21.42 -16.60 5.55
C VAL B 365 -22.34 -17.56 4.80
N GLU B 366 -22.06 -17.91 3.54
CA GLU B 366 -22.92 -18.87 2.81
C GLU B 366 -22.78 -20.25 3.46
N GLY B 367 -21.58 -20.66 3.87
CA GLY B 367 -21.38 -21.96 4.53
C GLY B 367 -22.11 -22.01 5.86
N MET B 368 -22.05 -20.94 6.65
CA MET B 368 -22.80 -20.85 7.92
C MET B 368 -24.30 -20.98 7.63
N LYS B 369 -24.82 -20.25 6.66
CA LYS B 369 -26.27 -20.30 6.34
C LYS B 369 -26.64 -21.74 5.97
N GLN B 370 -25.84 -22.43 5.17
CA GLN B 370 -26.17 -23.82 4.74
C GLN B 370 -26.21 -24.74 5.97
N LYS B 371 -25.40 -24.48 6.98
CA LYS B 371 -25.38 -25.29 8.22
C LYS B 371 -26.31 -24.70 9.30
N MET B 372 -27.17 -23.74 8.93
CA MET B 372 -28.26 -23.22 9.80
C MET B 372 -27.70 -22.47 11.01
N TRP B 373 -26.54 -21.81 10.84
CA TRP B 373 -25.95 -20.93 11.88
C TRP B 373 -26.26 -19.47 11.56
N SER B 374 -26.84 -18.73 12.49
CA SER B 374 -27.08 -17.28 12.30
C SER B 374 -25.77 -16.52 12.15
N ILE B 375 -25.78 -15.50 11.30
CA ILE B 375 -24.62 -14.57 11.19
C ILE B 375 -24.54 -13.73 12.47
N GLU B 376 -25.59 -13.72 13.30
CA GLU B 376 -25.50 -13.06 14.62
C GLU B 376 -24.33 -13.61 15.45
N ASN B 377 -23.94 -14.85 15.23
CA ASN B 377 -22.94 -15.54 16.07
C ASN B 377 -21.52 -15.00 15.81
N ILE B 378 -21.30 -14.33 14.68
CA ILE B 378 -19.90 -14.14 14.19
C ILE B 378 -19.65 -12.69 13.85
N ALA B 379 -18.39 -12.31 13.91
CA ALA B 379 -17.86 -11.12 13.26
C ALA B 379 -16.55 -11.50 12.58
N PHE B 380 -16.10 -10.64 11.71
CA PHE B 380 -14.90 -10.87 10.96
C PHE B 380 -13.87 -9.79 11.17
N GLY B 381 -12.62 -10.22 11.21
CA GLY B 381 -11.47 -9.32 11.26
C GLY B 381 -10.73 -9.49 9.93
N SER B 382 -10.37 -8.38 9.30
CA SER B 382 -9.66 -8.46 8.04
C SER B 382 -8.53 -7.43 8.08
N GLY B 383 -7.36 -7.86 7.63
CA GLY B 383 -6.17 -7.00 7.68
C GLY B 383 -5.66 -6.65 6.30
N GLY B 384 -4.77 -7.48 5.77
CA GLY B 384 -4.23 -7.27 4.43
C GLY B 384 -5.33 -7.28 3.37
N GLY B 385 -6.31 -8.16 3.53
CA GLY B 385 -7.42 -8.22 2.59
C GLY B 385 -8.20 -6.92 2.52
N LEU B 386 -8.40 -6.28 3.67
CA LEU B 386 -9.11 -5.03 3.77
C LEU B 386 -8.39 -3.76 3.30
N LEU B 387 -7.12 -3.64 3.71
CA LEU B 387 -6.33 -2.45 3.45
C LEU B 387 -5.14 -2.52 2.52
N GLN B 388 -4.64 -3.71 2.24
CA GLN B 388 -3.44 -3.81 1.40
C GLN B 388 -3.57 -4.52 0.08
N LYS B 389 -4.42 -5.55 0.01
CA LYS B 389 -4.58 -6.34 -1.22
C LYS B 389 -5.57 -5.69 -2.19
N LEU B 390 -5.22 -4.49 -2.66
CA LEU B 390 -6.01 -3.66 -3.54
C LEU B 390 -5.04 -2.88 -4.38
N THR B 391 -5.42 -2.61 -5.62
CA THR B 391 -4.59 -1.85 -6.55
C THR B 391 -5.48 -0.90 -7.32
N ARG B 392 -4.84 0.06 -7.97
CA ARG B 392 -5.51 1.06 -8.76
C ARG B 392 -6.27 0.43 -9.95
N ASP B 393 -5.84 -0.76 -10.34
CA ASP B 393 -6.48 -1.51 -11.46
C ASP B 393 -7.85 -2.07 -11.06
N LEU B 394 -8.15 -2.22 -9.77
CA LEU B 394 -9.42 -2.89 -9.37
C LEU B 394 -10.62 -2.10 -9.89
N LEU B 395 -10.61 -0.78 -9.75
CA LEU B 395 -11.74 0.08 -10.22
C LEU B 395 -11.29 0.91 -11.42
N ASN B 396 -10.09 0.64 -11.95
CA ASN B 396 -9.52 1.34 -13.13
C ASN B 396 -9.55 2.84 -12.88
N CYS B 397 -9.03 3.27 -11.76
CA CYS B 397 -8.95 4.69 -11.38
C CYS B 397 -7.96 5.37 -12.33
N SER B 398 -8.39 6.44 -12.99
CA SER B 398 -7.63 7.01 -14.12
C SER B 398 -7.87 8.51 -14.22
N PHE B 399 -6.81 9.27 -14.51
CA PHE B 399 -6.82 10.73 -14.68
C PHE B 399 -6.35 11.04 -16.08
N LYS B 400 -7.14 11.80 -16.84
CA LYS B 400 -6.82 12.08 -18.26
C LYS B 400 -7.21 13.51 -18.60
N CYS B 401 -6.47 14.10 -19.51
CA CYS B 401 -6.79 15.40 -20.13
C CYS B 401 -7.92 15.19 -21.13
N SER B 402 -8.98 15.98 -21.01
CA SER B 402 -10.13 15.92 -21.96
C SER B 402 -10.33 17.23 -22.73
N TYR B 403 -9.70 18.32 -22.33
CA TYR B 403 -9.96 19.62 -22.98
C TYR B 403 -8.73 20.49 -22.84
N VAL B 404 -8.37 21.16 -23.93
CA VAL B 404 -7.28 22.16 -23.91
C VAL B 404 -7.74 23.40 -24.68
N VAL B 405 -7.14 24.53 -24.34
CA VAL B 405 -7.29 25.76 -25.16
C VAL B 405 -5.89 26.11 -25.68
N THR B 406 -5.75 26.15 -27.00
CA THR B 406 -4.49 26.47 -27.70
C THR B 406 -4.80 27.55 -28.75
N ASN B 407 -4.02 28.63 -28.74
CA ASN B 407 -4.25 29.82 -29.62
C ASN B 407 -5.70 30.30 -29.47
N GLY B 408 -6.27 30.25 -28.26
CA GLY B 408 -7.61 30.78 -27.94
C GLY B 408 -8.74 29.86 -28.37
N LEU B 409 -8.45 28.68 -28.91
CA LEU B 409 -9.49 27.73 -29.40
C LEU B 409 -9.52 26.49 -28.51
N GLY B 410 -10.70 26.18 -27.97
CA GLY B 410 -10.95 24.96 -27.18
C GLY B 410 -11.00 23.74 -28.08
N ILE B 411 -10.31 22.68 -27.67
CA ILE B 411 -10.19 21.41 -28.42
C ILE B 411 -10.62 20.30 -27.47
N ASN B 412 -11.48 19.39 -27.94
CA ASN B 412 -11.88 18.21 -27.14
C ASN B 412 -10.81 17.15 -27.42
N VAL B 413 -10.13 16.67 -26.38
CA VAL B 413 -9.02 15.72 -26.59
C VAL B 413 -9.27 14.46 -25.77
N PHE B 414 -8.70 13.37 -26.26
CA PHE B 414 -8.91 12.06 -25.67
C PHE B 414 -7.89 11.08 -26.21
N LYS B 415 -7.86 9.91 -25.59
CA LYS B 415 -7.04 8.81 -26.05
C LYS B 415 -8.03 7.69 -26.42
N ASP B 416 -7.67 6.88 -27.40
CA ASP B 416 -8.51 5.78 -27.85
C ASP B 416 -7.60 4.70 -28.41
N PRO B 417 -6.88 3.97 -27.55
CA PRO B 417 -5.93 2.98 -28.08
C PRO B 417 -6.62 1.86 -28.85
N VAL B 418 -6.03 1.50 -29.99
CA VAL B 418 -6.63 0.52 -30.89
C VAL B 418 -6.83 -0.87 -30.26
N ALA B 419 -5.89 -1.31 -29.45
CA ALA B 419 -5.97 -2.64 -28.87
C ALA B 419 -6.76 -2.72 -27.59
N ASP B 420 -7.16 -1.58 -27.04
CA ASP B 420 -7.93 -1.59 -25.81
C ASP B 420 -8.96 -0.47 -25.81
N PRO B 421 -10.23 -0.81 -26.08
CA PRO B 421 -11.38 0.12 -26.09
C PRO B 421 -11.75 0.56 -24.66
N ASN B 422 -11.42 -0.25 -23.66
CA ASN B 422 -11.62 0.08 -22.24
C ASN B 422 -10.84 1.31 -21.81
N LYS B 423 -9.69 1.56 -22.42
CA LYS B 423 -8.84 2.72 -22.14
C LYS B 423 -9.26 4.01 -22.87
N ARG B 424 -10.31 3.97 -23.67
CA ARG B 424 -10.79 5.18 -24.33
C ARG B 424 -11.22 6.16 -23.24
N SER B 425 -10.85 7.42 -23.40
CA SER B 425 -11.18 8.45 -22.41
C SER B 425 -12.23 9.43 -22.93
N LYS B 426 -12.86 10.15 -22.01
CA LYS B 426 -13.92 11.11 -22.34
C LYS B 426 -13.42 12.37 -23.04
N LYS B 427 -14.30 13.01 -23.79
CA LYS B 427 -13.97 14.18 -24.59
C LYS B 427 -14.56 15.48 -24.10
N GLY B 428 -13.73 16.51 -24.02
CA GLY B 428 -14.20 17.85 -23.70
C GLY B 428 -14.52 18.14 -22.27
N ARG B 429 -15.24 19.23 -22.07
CA ARG B 429 -15.67 19.67 -20.77
C ARG B 429 -16.77 18.72 -20.27
N LEU B 430 -16.63 18.31 -19.03
CA LEU B 430 -17.53 17.31 -18.47
C LEU B 430 -18.36 17.81 -17.32
N SER B 431 -19.51 17.18 -17.14
CA SER B 431 -20.41 17.49 -16.01
C SER B 431 -21.17 16.22 -15.65
N LEU B 432 -21.60 16.17 -14.39
CA LEU B 432 -22.31 15.00 -13.83
C LEU B 432 -23.76 15.38 -13.56
N HIS B 433 -24.69 14.54 -13.99
CA HIS B 433 -26.13 14.89 -13.93
C HIS B 433 -26.93 13.71 -13.45
N ARG B 434 -28.10 14.01 -12.95
CA ARG B 434 -29.17 13.00 -12.76
C ARG B 434 -29.91 12.81 -14.06
N THR B 435 -30.24 11.56 -14.37
CA THR B 435 -31.10 11.21 -15.52
C THR B 435 -32.56 11.34 -15.08
N PRO B 436 -33.52 11.32 -16.02
CA PRO B 436 -34.93 11.35 -15.67
C PRO B 436 -35.31 10.21 -14.72
N ALA B 437 -34.66 9.05 -14.79
CA ALA B 437 -34.97 7.89 -13.91
C ALA B 437 -34.20 8.02 -12.58
N GLY B 438 -33.40 9.08 -12.41
CA GLY B 438 -32.70 9.35 -11.14
C GLY B 438 -31.34 8.66 -11.06
N ASN B 439 -30.80 8.20 -12.18
CA ASN B 439 -29.46 7.59 -12.27
C ASN B 439 -28.44 8.70 -12.56
N PHE B 440 -27.19 8.34 -12.72
CA PHE B 440 -26.13 9.31 -13.05
C PHE B 440 -25.76 9.22 -14.51
N VAL B 441 -25.40 10.35 -15.10
CA VAL B 441 -24.83 10.39 -16.46
C VAL B 441 -23.74 11.44 -16.45
N THR B 442 -22.66 11.15 -17.16
CA THR B 442 -21.59 12.13 -17.44
C THR B 442 -21.79 12.68 -18.85
N LEU B 443 -21.99 13.99 -18.96
CA LEU B 443 -22.12 14.66 -20.27
C LEU B 443 -20.75 15.15 -20.72
N GLU B 444 -20.44 14.91 -21.98
CA GLU B 444 -19.14 15.26 -22.57
C GLU B 444 -19.30 16.46 -23.49
N GLU B 445 -18.18 17.00 -23.94
CA GLU B 445 -18.13 18.04 -25.02
C GLU B 445 -18.93 19.27 -24.58
N GLY B 446 -18.98 19.57 -23.29
CA GLY B 446 -19.64 20.77 -22.75
C GLY B 446 -21.15 20.69 -22.88
N LYS B 447 -21.71 19.52 -23.18
CA LYS B 447 -23.18 19.39 -23.44
C LYS B 447 -23.98 19.69 -22.19
N GLY B 448 -23.40 19.62 -21.00
CA GLY B 448 -24.04 20.07 -19.75
C GLY B 448 -24.61 21.48 -19.90
N ASP B 449 -23.94 22.32 -20.68
CA ASP B 449 -24.29 23.75 -20.87
C ASP B 449 -25.68 23.87 -21.52
N LEU B 450 -26.16 22.82 -22.21
CA LEU B 450 -27.47 22.84 -22.91
C LEU B 450 -28.61 22.79 -21.88
N GLU B 451 -28.34 22.41 -20.63
CA GLU B 451 -29.32 22.37 -19.51
C GLU B 451 -30.50 21.46 -19.88
N GLU B 452 -30.22 20.36 -20.59
CA GLU B 452 -31.25 19.33 -20.87
C GLU B 452 -31.31 18.35 -19.70
N TYR B 453 -30.31 18.38 -18.80
CA TYR B 453 -30.14 17.42 -17.69
C TYR B 453 -29.95 18.13 -16.36
N GLY B 454 -30.48 19.33 -16.24
CA GLY B 454 -30.40 20.10 -14.99
C GLY B 454 -28.96 20.44 -14.64
N GLN B 455 -28.72 20.78 -13.37
CA GLN B 455 -27.44 21.39 -12.96
C GLN B 455 -26.38 20.30 -12.75
N ASP B 456 -25.14 20.67 -13.02
CA ASP B 456 -23.94 19.85 -12.73
C ASP B 456 -23.91 19.51 -11.24
N LEU B 457 -23.73 18.23 -10.91
CA LEU B 457 -23.68 17.72 -9.51
C LEU B 457 -22.29 17.94 -8.92
N LEU B 458 -21.27 18.16 -9.72
CA LEU B 458 -19.92 18.50 -9.18
C LEU B 458 -19.97 19.86 -8.51
N HIS B 459 -19.21 20.03 -7.43
CA HIS B 459 -19.04 21.32 -6.72
C HIS B 459 -17.58 21.72 -6.79
N THR B 460 -17.30 23.00 -6.86
CA THR B 460 -15.93 23.51 -6.65
C THR B 460 -15.52 23.19 -5.21
N VAL B 461 -14.46 22.40 -5.04
CA VAL B 461 -13.91 22.02 -3.70
C VAL B 461 -12.55 22.67 -3.48
N PHE B 462 -11.89 23.15 -4.52
CA PHE B 462 -10.58 23.82 -4.38
C PHE B 462 -10.48 24.90 -5.43
N LYS B 463 -10.04 26.08 -5.04
CA LYS B 463 -9.79 27.14 -6.02
C LYS B 463 -8.68 28.05 -5.49
N ASN B 464 -7.63 28.19 -6.27
CA ASN B 464 -6.59 29.24 -6.03
C ASN B 464 -6.06 29.10 -4.59
N GLY B 465 -5.76 27.88 -4.18
CA GLY B 465 -5.07 27.60 -2.91
C GLY B 465 -6.00 27.43 -1.73
N LYS B 466 -7.31 27.53 -1.93
CA LYS B 466 -8.29 27.43 -0.83
C LYS B 466 -9.21 26.23 -1.05
N VAL B 467 -9.50 25.52 0.03
CA VAL B 467 -10.61 24.53 0.06
C VAL B 467 -11.93 25.28 0.17
N THR B 468 -12.81 25.08 -0.78
CA THR B 468 -14.00 25.94 -0.95
C THR B 468 -15.27 25.22 -0.54
N LYS B 469 -15.21 23.91 -0.34
CA LYS B 469 -16.40 23.12 0.09
C LYS B 469 -15.89 21.83 0.71
N SER B 470 -16.53 21.41 1.79
CA SER B 470 -16.04 20.26 2.57
CA SER B 470 -16.03 20.37 2.74
C SER B 470 -17.19 19.51 3.25
N TYR B 471 -16.87 18.33 3.73
CA TYR B 471 -17.86 17.37 4.26
C TYR B 471 -17.38 16.83 5.58
N SER B 472 -18.26 16.74 6.56
CA SER B 472 -17.96 16.03 7.81
C SER B 472 -17.92 14.52 7.54
N PHE B 473 -17.30 13.79 8.45
CA PHE B 473 -17.30 12.32 8.34
C PHE B 473 -18.73 11.80 8.52
N ASP B 474 -19.54 12.49 9.32
CA ASP B 474 -20.94 12.08 9.54
C ASP B 474 -21.71 12.17 8.22
N GLU B 475 -21.51 13.24 7.45
CA GLU B 475 -22.22 13.38 6.16
C GLU B 475 -21.76 12.32 5.16
N ILE B 476 -20.46 12.03 5.14
CA ILE B 476 -19.87 11.00 4.24
C ILE B 476 -20.51 9.65 4.57
N ARG B 477 -20.60 9.31 5.85
CA ARG B 477 -21.24 8.04 6.25
C ARG B 477 -22.69 8.00 5.76
N LYS B 478 -23.43 9.10 5.90
CA LYS B 478 -24.86 9.13 5.47
C LYS B 478 -24.93 8.88 3.95
N ASN B 479 -24.06 9.52 3.19
CA ASN B 479 -24.03 9.41 1.72
C ASN B 479 -23.70 7.97 1.28
N ALA B 480 -22.88 7.25 2.06
CA ALA B 480 -22.38 5.92 1.67
C ALA B 480 -23.27 4.80 2.22
N GLN B 481 -24.40 5.12 2.84
CA GLN B 481 -25.29 4.07 3.40
C GLN B 481 -25.74 3.09 2.31
N LEU B 482 -26.02 1.85 2.69
CA LEU B 482 -26.63 0.85 1.78
C LEU B 482 -28.10 1.19 1.56
N ASN B 483 -28.64 0.79 0.41
CA ASN B 483 -30.09 0.91 0.10
C ASN B 483 -30.88 0.13 1.16
N ILE B 484 -30.43 -1.08 1.50
CA ILE B 484 -31.11 -1.97 2.49
C ILE B 484 -31.19 -1.25 3.85
N GLU B 485 -30.20 -0.43 4.21
CA GLU B 485 -30.22 0.44 5.43
C GLU B 485 -31.19 1.60 5.25
N LEU B 486 -31.19 2.26 4.08
CA LEU B 486 -32.16 3.33 3.73
C LEU B 486 -33.55 2.70 3.62
#